data_4ECN
#
_entry.id   4ECN
#
_cell.length_a   85.399
_cell.length_b   105.463
_cell.length_c   161.196
_cell.angle_alpha   90.000
_cell.angle_beta   90.000
_cell.angle_gamma   90.000
#
_symmetry.space_group_name_H-M   'P 21 21 21'
#
loop_
_entity.id
_entity.type
_entity.pdbx_description
1 polymer 'Leucine-rich repeat protein'
2 non-polymer 'SODIUM ION'
3 non-polymer 'CHLORIDE ION'
4 water water
#
_entity_poly.entity_id   1
_entity_poly.type   'polypeptide(L)'
_entity_poly.pdbx_seq_one_letter_code
;GDDEELQSQYGYVQFKLYKSTSFEKGTTTRAVGKLES(MSE)SSAQKIKVV(MSE)THNGTTVSQTLLLNAYNANNAEYG
LRSDKLQLLAGTYKIVGYYLYDGLDEVLLAGPAGDDNELTVVSGGLLEKALTVDAVPHGTVTFKLSKEGISTRAAGEYLF
SNIRYVDVTV(MSE)NSFNRVTTELKG(MSE)KVTYKEDSKEHQNPDNANDKY(MSE)DIGVATCDSAVWLPAGTYQVVA
YTTYSQSGIKRSELETQSVRGESFTVIDNKLTKDANVPIQLKETAEYIKDYKALKAIWEALDGKNWRYYSGTINNTIHSL
NWNFNKELD(MSE)WGDQPGVDLDNNGRVTGLSLAGFGAKGRVPDAIGQLTELKVLSFGTHSETVSGRLFGDEELTPD
(MSE)SEERKHRIR(MSE)HYKK(MSE)FLDYDQRLNLSDLLQDAINRNPE(MSE)KPIKKDSRISLKDTQIGNLTNRIT
FISKAIQRLTKLQIIYFANSPFTYDNIAVDWEDANSDYAKQYENEELSWSNLKDLTDVELYNCPN(MSE)TQLPDFLYDL
PELQSLNIACNRGISAAQLKADWTRLADDEDTGPKIQIFY(MSE)GYNNLEEFPASASLQK(MSE)VKLGLLDCVHNKVR
HLEAFGTNVKLTDLKLDYNQIEEIPEDFCAFTDQVEGLGFSHNKLKYIPNIFNAKSVYV(MSE)GSVDFSYNKIGSEGRN
ISCS(MSE)DDYKGINASTVTLSYNEIQKFPTELFATGSPISTIILSNNL(MSE)TSIPENSLKPKDGNYKNTYLLTTID
LRFNKLTSLSDDFRATTLPYLSN(MSE)DVSYNCFSSFPTQPLNSSQLKAFGIRHQRDAEGNRILRQWPTGITTCPSLIQ
LQIGSNDIRKVDEKLTPQLYILDIADNPNISIDVTSVCPYIEAG(MSE)YVLLYDKTQDIRGCDALGIER
;
_entity_poly.pdbx_strand_id   A
#
loop_
_chem_comp.id
_chem_comp.type
_chem_comp.name
_chem_comp.formula
CL non-polymer 'CHLORIDE ION' 'Cl -1'
NA non-polymer 'SODIUM ION' 'Na 1'
#
# COMPACT_ATOMS: atom_id res chain seq x y z
N SER A 8 57.71 -23.00 2.47
CA SER A 8 56.74 -23.82 1.72
C SER A 8 55.29 -23.50 2.14
N GLN A 9 55.13 -22.88 3.32
CA GLN A 9 53.85 -22.49 3.92
C GLN A 9 53.69 -20.97 3.87
N TYR A 10 54.78 -20.27 3.48
CA TYR A 10 54.90 -18.82 3.45
C TYR A 10 54.87 -18.23 2.03
N GLY A 11 54.56 -16.92 1.99
CA GLY A 11 54.50 -16.08 0.80
C GLY A 11 55.16 -14.74 1.05
N TYR A 12 54.97 -13.76 0.13
CA TYR A 12 55.61 -12.45 0.26
C TYR A 12 54.68 -11.32 -0.12
N VAL A 13 54.91 -10.15 0.51
CA VAL A 13 54.17 -8.91 0.30
C VAL A 13 55.17 -7.78 0.16
N GLN A 14 54.80 -6.80 -0.67
CA GLN A 14 55.52 -5.57 -0.85
C GLN A 14 54.49 -4.51 -1.02
N PHE A 15 54.82 -3.27 -0.62
CA PHE A 15 53.86 -2.18 -0.70
C PHE A 15 54.34 -1.12 -1.68
N LYS A 16 53.38 -0.54 -2.40
CA LYS A 16 53.58 0.51 -3.40
C LYS A 16 52.74 1.72 -2.95
N LEU A 17 53.39 2.86 -2.60
CA LEU A 17 52.70 4.09 -2.14
C LEU A 17 52.07 4.84 -3.33
N TYR A 18 50.76 5.10 -3.22
CA TYR A 18 49.97 5.78 -4.26
C TYR A 18 49.43 7.11 -3.76
N LYS A 19 49.21 8.04 -4.70
CA LYS A 19 48.68 9.38 -4.46
C LYS A 19 47.13 9.32 -4.45
N SER A 20 46.48 10.33 -3.82
CA SER A 20 45.01 10.41 -3.68
C SER A 20 44.39 11.32 -4.79
N THR A 21 43.24 12.00 -4.48
CA THR A 21 42.50 12.85 -5.42
C THR A 21 42.18 14.21 -4.77
N SER A 37 53.25 16.25 0.30
CA SER A 37 54.63 16.49 -0.14
C SER A 37 55.45 15.16 -0.14
N MSE A 38 55.81 14.65 1.08
CA MSE A 38 56.56 13.41 1.37
C MSE A 38 57.96 13.41 0.72
O MSE A 38 58.61 14.47 0.63
CB MSE A 38 55.76 12.15 0.88
CG MSE A 38 54.46 11.86 1.65
SE MSE A 38 54.61 11.39 3.57
CE MSE A 38 56.07 10.16 3.49
N SER A 39 58.43 12.21 0.31
CA SER A 39 59.69 11.87 -0.37
C SER A 39 60.92 12.24 0.51
N SER A 40 60.79 12.00 1.82
CA SER A 40 61.83 12.10 2.85
C SER A 40 61.88 10.79 3.61
N ALA A 41 60.77 10.02 3.48
CA ALA A 41 60.52 8.72 4.09
C ALA A 41 61.36 7.60 3.44
N GLN A 42 61.89 6.71 4.28
CA GLN A 42 62.72 5.59 3.85
C GLN A 42 62.40 4.30 4.69
N LYS A 43 61.25 4.29 5.40
CA LYS A 43 60.72 3.17 6.21
C LYS A 43 59.18 3.20 6.29
N ILE A 44 58.57 2.09 6.72
CA ILE A 44 57.12 1.94 6.91
C ILE A 44 56.87 0.82 7.93
N LYS A 45 55.93 1.05 8.86
CA LYS A 45 55.53 0.06 9.84
C LYS A 45 54.06 -0.21 9.60
N VAL A 46 53.78 -1.28 8.90
CA VAL A 46 52.41 -1.63 8.57
C VAL A 46 51.85 -2.49 9.72
N VAL A 47 50.78 -1.99 10.34
CA VAL A 47 50.07 -2.65 11.44
C VAL A 47 49.00 -3.56 10.80
N MSE A 48 49.02 -4.86 11.13
CA MSE A 48 48.08 -5.84 10.59
C MSE A 48 47.45 -6.71 11.67
O MSE A 48 47.98 -6.80 12.77
CB MSE A 48 48.78 -6.78 9.61
CG MSE A 48 49.12 -6.17 8.27
SE MSE A 48 50.47 -7.27 7.41
CE MSE A 48 52.05 -6.73 8.52
N THR A 49 46.36 -7.42 11.31
CA THR A 49 45.67 -8.38 12.17
C THR A 49 45.36 -9.66 11.38
N HIS A 50 45.80 -10.81 11.90
CA HIS A 50 45.57 -12.13 11.31
C HIS A 50 45.05 -13.08 12.38
N ASN A 51 43.70 -13.25 12.42
CA ASN A 51 42.93 -14.08 13.35
C ASN A 51 43.34 -13.75 14.81
N GLY A 52 43.05 -12.51 15.21
CA GLY A 52 43.33 -11.98 16.55
C GLY A 52 44.79 -11.77 16.93
N THR A 53 45.72 -11.74 15.96
CA THR A 53 47.13 -11.49 16.23
C THR A 53 47.43 -10.08 15.69
N THR A 54 47.21 -9.04 16.54
CA THR A 54 47.47 -7.63 16.18
C THR A 54 48.99 -7.45 16.24
N VAL A 55 49.67 -7.73 15.11
CA VAL A 55 51.14 -7.66 15.05
C VAL A 55 51.56 -6.78 13.84
N SER A 56 52.54 -5.88 14.10
CA SER A 56 53.12 -4.92 13.16
C SER A 56 54.56 -5.31 12.77
N GLN A 57 55.03 -4.84 11.62
CA GLN A 57 56.37 -5.13 11.16
C GLN A 57 56.96 -3.95 10.42
N THR A 58 58.24 -3.64 10.67
CA THR A 58 58.93 -2.52 10.02
C THR A 58 59.69 -3.04 8.77
N LEU A 59 59.55 -2.29 7.66
CA LEU A 59 60.18 -2.53 6.36
C LEU A 59 60.79 -1.24 5.83
N LEU A 60 61.76 -1.34 4.91
CA LEU A 60 62.40 -0.18 4.30
C LEU A 60 61.71 0.20 2.98
N LEU A 61 61.79 1.49 2.62
CA LEU A 61 61.27 2.05 1.39
C LEU A 61 62.38 2.18 0.35
N ASN A 62 62.11 1.70 -0.86
CA ASN A 62 63.00 1.79 -2.01
C ASN A 62 62.42 2.85 -2.95
N ALA A 63 63.22 3.85 -3.34
CA ALA A 63 62.70 4.92 -4.21
C ALA A 63 62.96 4.64 -5.69
N TYR A 64 61.92 4.86 -6.51
CA TYR A 64 61.90 4.74 -7.98
C TYR A 64 61.31 6.05 -8.57
N ASN A 65 61.08 6.09 -9.91
CA ASN A 65 60.56 7.26 -10.61
C ASN A 65 59.11 7.60 -10.18
N ALA A 66 58.90 8.83 -9.65
CA ALA A 66 57.60 9.32 -9.20
C ALA A 66 56.67 9.62 -10.39
N ASN A 67 55.34 9.52 -10.17
CA ASN A 67 54.30 9.76 -11.19
C ASN A 67 53.13 10.53 -10.57
N ASN A 68 52.10 10.86 -11.37
CA ASN A 68 50.91 11.56 -10.89
C ASN A 68 49.95 10.58 -10.18
N ALA A 69 50.33 9.28 -10.11
CA ALA A 69 49.56 8.21 -9.46
C ALA A 69 50.37 7.50 -8.39
N GLU A 70 51.71 7.46 -8.56
CA GLU A 70 52.64 6.78 -7.65
C GLU A 70 53.58 7.78 -6.98
N TYR A 71 53.72 7.69 -5.63
CA TYR A 71 54.63 8.54 -4.84
C TYR A 71 56.11 8.15 -5.10
N GLY A 72 56.32 7.04 -5.80
CA GLY A 72 57.65 6.55 -6.16
C GLY A 72 58.42 5.94 -5.01
N LEU A 73 57.72 5.19 -4.14
CA LEU A 73 58.30 4.49 -2.98
C LEU A 73 57.71 3.09 -2.87
N ARG A 74 58.59 2.04 -2.87
CA ARG A 74 58.23 0.63 -2.83
C ARG A 74 58.91 -0.08 -1.64
N SER A 75 58.16 -0.93 -0.96
CA SER A 75 58.59 -1.67 0.23
C SER A 75 59.36 -2.95 -0.11
N ASP A 76 60.30 -3.33 0.80
CA ASP A 76 61.04 -4.59 0.78
C ASP A 76 60.09 -5.78 0.91
N LYS A 77 60.49 -6.98 0.45
CA LYS A 77 59.65 -8.19 0.59
C LYS A 77 59.40 -8.51 2.06
N LEU A 78 58.17 -8.89 2.40
CA LEU A 78 57.83 -9.27 3.75
C LEU A 78 57.34 -10.72 3.77
N GLN A 79 58.10 -11.62 4.43
CA GLN A 79 57.68 -13.01 4.50
C GLN A 79 56.62 -13.16 5.59
N LEU A 80 55.45 -13.68 5.19
CA LEU A 80 54.32 -13.92 6.07
C LEU A 80 53.75 -15.28 5.81
N LEU A 81 53.00 -15.83 6.77
CA LEU A 81 52.38 -17.12 6.56
C LEU A 81 51.12 -16.92 5.73
N ALA A 82 50.93 -17.78 4.72
CA ALA A 82 49.81 -17.72 3.77
C ALA A 82 48.45 -17.67 4.48
N GLY A 83 47.68 -16.62 4.19
CA GLY A 83 46.36 -16.36 4.75
C GLY A 83 45.91 -14.92 4.59
N THR A 84 44.67 -14.63 5.02
CA THR A 84 44.12 -13.28 4.91
C THR A 84 44.55 -12.45 6.12
N TYR A 85 44.96 -11.20 5.85
CA TYR A 85 45.41 -10.18 6.80
C TYR A 85 44.63 -8.90 6.60
N LYS A 86 44.37 -8.16 7.69
CA LYS A 86 43.69 -6.88 7.61
C LYS A 86 44.64 -5.81 8.11
N ILE A 87 44.97 -4.83 7.24
CA ILE A 87 45.81 -3.68 7.57
C ILE A 87 44.99 -2.75 8.46
N VAL A 88 45.55 -2.34 9.62
CA VAL A 88 44.86 -1.45 10.56
C VAL A 88 45.25 0.00 10.20
N GLY A 89 46.54 0.18 9.92
CA GLY A 89 47.14 1.45 9.55
C GLY A 89 48.63 1.29 9.36
N TYR A 90 49.30 2.39 9.02
CA TYR A 90 50.74 2.39 8.79
C TYR A 90 51.38 3.72 9.14
N TYR A 91 52.68 3.69 9.44
CA TYR A 91 53.48 4.88 9.75
C TYR A 91 54.63 4.96 8.78
N LEU A 92 54.92 6.16 8.27
CA LEU A 92 56.09 6.39 7.40
C LEU A 92 57.17 7.08 8.25
N TYR A 93 58.46 6.81 7.98
CA TYR A 93 59.57 7.35 8.78
C TYR A 93 60.70 7.93 7.90
N ASP A 94 61.24 9.11 8.26
CA ASP A 94 62.34 9.79 7.53
C ASP A 94 63.73 9.15 7.87
N GLY A 95 64.81 9.84 7.47
CA GLY A 95 66.18 9.42 7.74
C GLY A 95 66.53 9.38 9.22
N LEU A 96 65.98 10.35 10.00
CA LEU A 96 66.16 10.48 11.46
C LEU A 96 65.27 9.48 12.26
N ASP A 97 64.40 8.69 11.55
CA ASP A 97 63.48 7.65 12.02
C ASP A 97 62.32 8.24 12.91
N GLU A 98 61.80 9.43 12.52
CA GLU A 98 60.65 10.08 13.16
C GLU A 98 59.38 9.85 12.31
N VAL A 99 58.18 9.80 12.95
CA VAL A 99 56.89 9.54 12.29
C VAL A 99 56.54 10.73 11.34
N LEU A 100 56.77 10.52 10.02
CA LEU A 100 56.53 11.50 8.96
C LEU A 100 55.07 11.49 8.48
N LEU A 101 54.29 10.39 8.78
CA LEU A 101 52.88 10.22 8.42
C LEU A 101 52.19 9.09 9.20
N ALA A 102 50.95 9.32 9.69
CA ALA A 102 50.06 8.34 10.35
C ALA A 102 48.95 8.02 9.38
N GLY A 103 49.16 6.95 8.61
CA GLY A 103 48.30 6.50 7.53
C GLY A 103 47.13 5.60 7.90
N PRO A 104 45.92 5.92 7.39
CA PRO A 104 44.77 5.04 7.66
C PRO A 104 44.68 3.94 6.59
N ALA A 105 44.18 2.77 6.99
CA ALA A 105 44.05 1.60 6.15
C ALA A 105 43.11 1.80 4.95
N GLY A 106 41.95 2.37 5.19
CA GLY A 106 40.94 2.59 4.16
C GLY A 106 39.95 1.44 4.10
N ASP A 107 39.22 1.34 2.98
CA ASP A 107 38.20 0.29 2.74
C ASP A 107 38.83 -0.88 1.94
N ASP A 108 40.12 -0.74 1.58
CA ASP A 108 40.98 -1.73 0.94
C ASP A 108 41.91 -2.31 2.04
N ASN A 109 41.34 -2.53 3.24
CA ASN A 109 42.06 -2.95 4.44
C ASN A 109 42.60 -4.39 4.36
N GLU A 110 42.00 -5.28 3.56
CA GLU A 110 42.43 -6.68 3.48
C GLU A 110 43.45 -6.95 2.35
N LEU A 111 44.35 -7.93 2.62
CA LEU A 111 45.37 -8.47 1.71
C LEU A 111 45.57 -9.97 2.05
N THR A 112 45.70 -10.81 1.03
CA THR A 112 45.86 -12.25 1.25
C THR A 112 47.22 -12.69 0.71
N VAL A 113 48.07 -13.24 1.60
CA VAL A 113 49.39 -13.81 1.28
C VAL A 113 49.15 -15.19 0.70
N VAL A 114 49.90 -15.57 -0.36
CA VAL A 114 49.73 -16.86 -1.03
C VAL A 114 51.03 -17.68 -0.91
N SER A 115 50.89 -19.00 -0.70
CA SER A 115 52.00 -19.92 -0.56
C SER A 115 52.90 -19.85 -1.81
N GLY A 116 54.15 -19.40 -1.60
CA GLY A 116 55.15 -19.20 -2.64
C GLY A 116 54.83 -18.09 -3.63
N GLY A 117 54.00 -17.14 -3.21
CA GLY A 117 53.58 -16.02 -4.04
C GLY A 117 54.19 -14.68 -3.65
N LEU A 118 53.95 -13.68 -4.48
CA LEU A 118 54.41 -12.32 -4.22
C LEU A 118 53.28 -11.39 -4.55
N LEU A 119 52.74 -10.81 -3.49
CA LEU A 119 51.64 -9.87 -3.53
C LEU A 119 52.17 -8.45 -3.48
N GLU A 120 51.57 -7.55 -4.24
CA GLU A 120 51.91 -6.14 -4.18
C GLU A 120 50.70 -5.39 -3.77
N LYS A 121 50.72 -4.83 -2.55
CA LYS A 121 49.58 -4.10 -2.03
C LYS A 121 49.75 -2.60 -2.30
N ALA A 122 48.67 -2.03 -2.78
CA ALA A 122 48.58 -0.62 -3.07
C ALA A 122 48.10 0.13 -1.82
N LEU A 123 48.97 0.98 -1.30
CA LEU A 123 48.60 1.83 -0.18
C LEU A 123 48.38 3.23 -0.69
N THR A 124 47.12 3.74 -0.62
CA THR A 124 46.80 5.08 -1.09
C THR A 124 46.86 6.07 0.10
N VAL A 125 47.73 7.07 -0.01
CA VAL A 125 47.89 8.08 1.05
C VAL A 125 46.67 9.05 1.03
N ASP A 126 45.81 8.94 2.07
CA ASP A 126 44.61 9.76 2.28
C ASP A 126 45.01 11.21 2.54
N ALA A 127 44.35 12.15 1.83
CA ALA A 127 44.58 13.59 1.92
C ALA A 127 44.23 14.15 3.31
N VAL A 128 43.27 13.48 4.00
CA VAL A 128 42.75 13.84 5.32
C VAL A 128 43.82 13.52 6.37
N PRO A 129 44.33 14.54 7.10
CA PRO A 129 45.33 14.26 8.13
C PRO A 129 44.73 13.48 9.30
N HIS A 130 45.46 12.43 9.73
CA HIS A 130 45.10 11.55 10.82
C HIS A 130 46.14 11.56 11.90
N GLY A 131 45.69 11.23 13.11
CA GLY A 131 46.50 11.02 14.29
C GLY A 131 46.13 9.65 14.84
N THR A 132 46.69 9.25 16.00
CA THR A 132 46.36 7.94 16.59
C THR A 132 45.86 8.13 18.04
N VAL A 133 45.07 7.16 18.56
CA VAL A 133 44.43 7.25 19.88
C VAL A 133 44.43 5.92 20.61
N THR A 134 44.52 6.00 21.95
CA THR A 134 44.38 4.89 22.89
C THR A 134 43.32 5.29 23.89
N PHE A 135 42.54 4.30 24.36
CA PHE A 135 41.46 4.56 25.29
C PHE A 135 41.82 4.08 26.70
N LYS A 136 41.18 4.70 27.68
CA LYS A 136 41.29 4.41 29.09
C LYS A 136 39.89 4.32 29.65
N LEU A 137 39.48 3.08 29.96
CA LEU A 137 38.19 2.73 30.51
C LEU A 137 38.18 3.10 32.00
N SER A 138 37.15 3.83 32.45
CA SER A 138 37.06 4.33 33.82
C SER A 138 35.67 4.18 34.39
N LYS A 139 35.54 3.98 35.73
CA LYS A 139 34.25 3.89 36.41
C LYS A 139 33.62 5.29 36.57
N GLU A 140 32.38 5.47 36.07
CA GLU A 140 31.59 6.71 36.12
C GLU A 140 30.21 6.38 36.67
N GLY A 141 29.50 7.39 37.20
CA GLY A 141 28.17 7.24 37.75
C GLY A 141 28.13 6.57 39.11
N ILE A 142 28.76 5.38 39.19
CA ILE A 142 28.93 4.57 40.40
C ILE A 142 30.47 4.51 40.62
N SER A 143 31.06 5.74 40.71
CA SER A 143 32.47 6.04 40.95
C SER A 143 32.78 5.75 42.44
N THR A 144 32.96 4.44 42.73
CA THR A 144 33.16 3.79 44.03
C THR A 144 31.86 4.02 44.81
N ARG A 145 30.86 3.17 44.53
CA ARG A 145 29.53 3.16 45.15
C ARG A 145 29.00 1.70 45.16
N ALA A 146 27.66 1.51 45.25
CA ALA A 146 26.98 0.20 45.29
C ALA A 146 27.27 -0.63 44.00
N ALA A 147 28.06 -1.74 44.13
CA ALA A 147 28.51 -2.66 43.07
C ALA A 147 27.43 -2.86 41.98
N GLY A 148 27.84 -2.63 40.73
CA GLY A 148 26.99 -2.67 39.55
C GLY A 148 26.52 -4.04 39.08
N GLU A 149 25.93 -4.06 37.85
CA GLU A 149 25.37 -5.26 37.20
C GLU A 149 26.45 -6.33 36.90
N TYR A 150 27.73 -5.91 36.72
CA TYR A 150 28.86 -6.80 36.48
C TYR A 150 30.18 -6.17 37.04
N LEU A 151 31.27 -6.97 37.14
CA LEU A 151 32.58 -6.51 37.62
C LEU A 151 33.39 -5.82 36.53
N PHE A 152 34.00 -4.63 36.83
CA PHE A 152 34.84 -3.86 35.87
C PHE A 152 35.98 -4.76 35.39
N SER A 153 36.69 -5.38 36.35
CA SER A 153 37.67 -6.42 36.06
C SER A 153 36.90 -7.54 35.34
N ASN A 154 37.51 -8.21 34.37
CA ASN A 154 36.91 -9.28 33.55
C ASN A 154 36.04 -8.65 32.36
N ILE A 155 36.31 -7.37 32.00
CA ILE A 155 35.93 -6.74 30.74
C ILE A 155 37.08 -7.15 29.81
N ARG A 156 36.84 -7.95 28.76
CA ARG A 156 37.95 -8.39 27.93
C ARG A 156 38.09 -7.60 26.62
N TYR A 157 36.94 -7.18 26.04
CA TYR A 157 36.84 -6.43 24.78
C TYR A 157 35.82 -5.31 24.89
N VAL A 158 36.03 -4.23 24.09
CA VAL A 158 35.12 -3.09 24.08
C VAL A 158 34.91 -2.60 22.61
N ASP A 159 33.73 -1.98 22.38
CA ASP A 159 33.34 -1.31 21.13
C ASP A 159 33.12 0.12 21.45
N VAL A 160 33.88 1.06 20.86
CA VAL A 160 33.55 2.43 21.22
C VAL A 160 33.18 3.21 19.95
N THR A 161 32.19 4.08 20.11
CA THR A 161 31.71 5.04 19.14
C THR A 161 32.23 6.39 19.55
N VAL A 162 32.99 7.04 18.66
CA VAL A 162 33.48 8.39 18.90
C VAL A 162 32.75 9.30 17.97
N MSE A 163 32.43 10.52 18.42
CA MSE A 163 31.77 11.49 17.54
C MSE A 163 32.60 12.72 17.45
O MSE A 163 33.03 13.23 18.49
CB MSE A 163 30.35 11.82 18.03
CG MSE A 163 29.50 12.56 17.02
SE MSE A 163 27.85 13.28 17.79
CE MSE A 163 28.62 14.78 18.88
N ASN A 164 32.85 13.20 16.23
CA ASN A 164 33.62 14.42 16.01
C ASN A 164 32.73 15.59 16.50
N SER A 165 33.22 16.29 17.51
CA SER A 165 32.52 17.39 18.16
C SER A 165 32.19 18.57 17.22
N PHE A 166 32.83 18.66 16.02
CA PHE A 166 32.52 19.75 15.09
C PHE A 166 31.62 19.29 13.92
N ASN A 167 32.04 18.30 13.14
CA ASN A 167 31.24 17.92 11.98
C ASN A 167 30.19 16.83 12.35
N ARG A 168 30.15 16.35 13.62
CA ARG A 168 29.19 15.35 14.14
C ARG A 168 29.35 13.93 13.48
N VAL A 169 30.42 13.67 12.72
CA VAL A 169 30.63 12.35 12.10
C VAL A 169 31.03 11.34 13.18
N THR A 170 30.31 10.22 13.23
CA THR A 170 30.59 9.13 14.16
C THR A 170 31.51 8.12 13.48
N THR A 171 32.28 7.37 14.29
CA THR A 171 33.21 6.33 13.82
C THR A 171 33.13 5.20 14.82
N GLU A 172 32.94 3.97 14.33
CA GLU A 172 32.85 2.82 15.23
C GLU A 172 34.19 2.06 15.25
N LEU A 173 34.71 1.79 16.47
CA LEU A 173 35.98 1.10 16.75
C LEU A 173 35.63 -0.22 17.42
N LYS A 174 35.58 -1.29 16.63
CA LYS A 174 35.05 -2.57 17.08
C LYS A 174 36.13 -3.55 17.57
N GLY A 175 35.71 -4.34 18.57
CA GLY A 175 36.45 -5.41 19.23
C GLY A 175 37.85 -5.09 19.69
N MSE A 176 38.05 -3.94 20.35
CA MSE A 176 39.37 -3.57 20.88
C MSE A 176 39.67 -4.37 22.15
O MSE A 176 38.79 -4.47 23.02
CB MSE A 176 39.47 -2.08 21.14
CG MSE A 176 39.37 -1.20 19.88
SE MSE A 176 39.49 0.71 20.27
CE MSE A 176 37.97 0.86 21.46
N LYS A 177 40.91 -4.95 22.28
CA LYS A 177 41.30 -5.73 23.45
C LYS A 177 41.67 -4.80 24.61
N VAL A 178 40.96 -5.00 25.73
CA VAL A 178 41.10 -4.26 26.98
C VAL A 178 42.17 -4.96 27.82
N THR A 179 43.29 -4.25 28.09
CA THR A 179 44.42 -4.74 28.89
C THR A 179 44.26 -4.16 30.33
N TYR A 180 43.77 -5.00 31.26
CA TYR A 180 43.52 -4.62 32.65
C TYR A 180 44.69 -5.08 33.53
N LYS A 181 45.49 -4.11 34.03
CA LYS A 181 46.64 -4.33 34.92
C LYS A 181 46.30 -3.86 36.35
N GLU A 182 46.59 -4.70 37.37
CA GLU A 182 46.32 -4.40 38.78
C GLU A 182 47.57 -4.60 39.65
N ASP A 199 35.46 -4.65 43.06
CA ASP A 199 36.91 -4.69 42.85
C ASP A 199 37.43 -3.35 42.28
N ILE A 200 38.71 -3.32 41.82
CA ILE A 200 39.34 -2.13 41.22
C ILE A 200 38.87 -1.96 39.74
N GLY A 201 38.97 -0.73 39.20
CA GLY A 201 38.50 -0.43 37.85
C GLY A 201 39.13 0.65 36.99
N VAL A 202 40.28 0.34 36.35
CA VAL A 202 41.01 1.20 35.41
C VAL A 202 41.80 0.30 34.42
N ALA A 203 41.31 0.20 33.16
CA ALA A 203 41.87 -0.65 32.10
C ALA A 203 42.08 0.13 30.78
N THR A 204 42.91 -0.38 29.83
CA THR A 204 43.20 0.34 28.58
C THR A 204 43.19 -0.50 27.29
N CYS A 205 43.03 0.19 26.14
CA CYS A 205 43.09 -0.33 24.76
C CYS A 205 44.45 0.06 24.21
N ASP A 206 45.44 -0.84 24.34
CA ASP A 206 46.84 -0.59 23.98
C ASP A 206 47.06 -0.48 22.45
N SER A 207 46.32 -1.24 21.61
CA SER A 207 46.45 -1.08 20.16
C SER A 207 45.80 0.26 19.74
N ALA A 208 46.63 1.21 19.23
CA ALA A 208 46.17 2.53 18.79
C ALA A 208 45.27 2.42 17.58
N VAL A 209 44.36 3.39 17.41
CA VAL A 209 43.45 3.44 16.27
C VAL A 209 43.78 4.70 15.49
N TRP A 210 43.39 4.78 14.21
CA TRP A 210 43.65 5.95 13.37
C TRP A 210 42.39 6.76 13.19
N LEU A 211 42.35 7.96 13.80
CA LEU A 211 41.23 8.89 13.69
C LEU A 211 41.63 10.17 12.95
N PRO A 212 40.76 10.80 12.13
CA PRO A 212 41.16 12.11 11.55
C PRO A 212 41.40 13.14 12.65
N ALA A 213 42.33 14.09 12.45
CA ALA A 213 42.58 15.13 13.44
C ALA A 213 41.31 15.93 13.69
N GLY A 214 41.02 16.15 14.97
CA GLY A 214 39.84 16.89 15.40
C GLY A 214 39.57 16.61 16.86
N THR A 215 38.43 17.13 17.35
CA THR A 215 38.02 16.95 18.74
C THR A 215 36.85 15.98 18.74
N TYR A 216 36.91 15.04 19.68
CA TYR A 216 35.93 13.98 19.82
C TYR A 216 35.44 13.81 21.23
N GLN A 217 34.40 13.00 21.36
CA GLN A 217 33.82 12.47 22.59
C GLN A 217 33.35 11.05 22.35
N VAL A 218 33.57 10.15 23.33
CA VAL A 218 33.02 8.79 23.22
C VAL A 218 31.52 8.96 23.50
N VAL A 219 30.67 8.48 22.58
CA VAL A 219 29.22 8.66 22.66
C VAL A 219 28.47 7.31 22.92
N ALA A 220 29.19 6.17 22.87
CA ALA A 220 28.61 4.85 23.14
C ALA A 220 29.66 3.76 23.24
N TYR A 221 29.34 2.68 23.98
CA TYR A 221 30.24 1.52 24.08
C TYR A 221 29.44 0.24 24.35
N THR A 222 30.06 -0.89 24.01
CA THR A 222 29.61 -2.25 24.29
C THR A 222 30.82 -2.97 24.87
N THR A 223 30.70 -3.47 26.12
CA THR A 223 31.80 -4.23 26.75
C THR A 223 31.51 -5.74 26.61
N TYR A 224 32.57 -6.56 26.53
CA TYR A 224 32.48 -8.02 26.39
C TYR A 224 33.35 -8.79 27.39
N SER A 225 32.87 -9.97 27.81
CA SER A 225 33.59 -10.92 28.67
C SER A 225 33.95 -12.15 27.84
N GLN A 226 35.20 -12.63 27.93
CA GLN A 226 35.67 -13.80 27.19
C GLN A 226 35.84 -14.97 28.14
N SER A 227 35.26 -16.13 27.75
CA SER A 227 35.31 -17.42 28.47
C SER A 227 35.62 -18.51 27.44
N GLY A 228 36.89 -18.89 27.39
CA GLY A 228 37.40 -19.84 26.41
C GLY A 228 37.40 -19.16 25.06
N ILE A 229 36.42 -19.54 24.21
CA ILE A 229 36.26 -18.97 22.86
C ILE A 229 34.96 -18.10 22.81
N LYS A 230 34.06 -18.24 23.82
CA LYS A 230 32.79 -17.53 23.88
C LYS A 230 32.97 -16.09 24.41
N ARG A 231 32.66 -15.10 23.54
CA ARG A 231 32.70 -13.67 23.85
C ARG A 231 31.27 -13.19 24.07
N SER A 232 30.93 -12.83 25.31
CA SER A 232 29.57 -12.43 25.69
C SER A 232 29.45 -10.93 26.01
N GLU A 233 28.30 -10.34 25.64
CA GLU A 233 27.93 -8.93 25.86
C GLU A 233 27.76 -8.64 27.36
N LEU A 234 28.37 -7.57 27.86
CA LEU A 234 28.26 -7.20 29.28
C LEU A 234 27.21 -6.10 29.46
N GLU A 235 27.29 -5.03 28.63
CA GLU A 235 26.37 -3.89 28.63
C GLU A 235 26.57 -3.03 27.37
N THR A 236 25.59 -2.20 27.06
CA THR A 236 25.64 -1.25 25.97
C THR A 236 25.10 0.04 26.55
N GLN A 237 25.87 1.12 26.43
CA GLN A 237 25.42 2.38 26.97
C GLN A 237 25.67 3.54 26.03
N SER A 238 24.74 4.51 26.05
CA SER A 238 24.91 5.80 25.38
C SER A 238 25.50 6.72 26.41
N VAL A 239 26.67 7.27 26.11
CA VAL A 239 27.41 8.10 27.05
C VAL A 239 27.91 9.38 26.38
N ARG A 240 28.65 10.19 27.14
CA ARG A 240 29.36 11.41 26.78
C ARG A 240 30.67 11.43 27.56
N GLY A 241 31.68 10.78 27.00
CA GLY A 241 33.01 10.72 27.58
C GLY A 241 33.67 12.07 27.47
N GLU A 242 34.66 12.30 28.34
CA GLU A 242 35.41 13.54 28.38
C GLU A 242 36.10 13.78 27.03
N SER A 243 36.00 15.01 26.52
CA SER A 243 36.50 15.46 25.23
C SER A 243 38.00 15.26 25.10
N PHE A 244 38.42 14.69 23.97
CA PHE A 244 39.81 14.48 23.66
C PHE A 244 40.07 15.07 22.30
N THR A 245 41.33 15.40 22.01
CA THR A 245 41.66 16.02 20.74
C THR A 245 42.75 15.19 20.05
N VAL A 246 42.59 14.95 18.73
CA VAL A 246 43.55 14.22 17.90
C VAL A 246 44.36 15.24 17.09
N ILE A 247 45.70 15.09 17.13
CA ILE A 247 46.64 15.97 16.42
C ILE A 247 47.25 15.20 15.27
N ASP A 248 47.45 15.86 14.12
CA ASP A 248 48.04 15.31 12.91
C ASP A 248 49.41 14.65 13.18
N ASN A 249 49.55 13.38 12.72
CA ASN A 249 50.72 12.47 12.77
C ASN A 249 51.28 12.31 14.22
N LYS A 250 50.43 12.59 15.24
CA LYS A 250 50.72 12.47 16.68
C LYS A 250 49.69 11.56 17.38
N LEU A 251 50.10 10.90 18.49
CA LEU A 251 49.24 10.01 19.28
C LEU A 251 48.66 10.69 20.52
N THR A 252 47.33 10.63 20.65
CA THR A 252 46.61 11.10 21.82
C THR A 252 46.46 9.87 22.73
N LYS A 253 46.88 9.99 23.99
CA LYS A 253 46.84 8.85 24.89
C LYS A 253 45.70 8.97 25.88
N ASP A 254 45.12 7.81 26.26
CA ASP A 254 44.11 7.56 27.27
C ASP A 254 42.86 8.49 27.15
N ALA A 255 42.09 8.25 26.07
CA ALA A 255 40.82 8.90 25.73
C ALA A 255 39.71 8.29 26.61
N ASN A 256 38.85 9.12 27.22
CA ASN A 256 37.87 8.64 28.21
C ASN A 256 36.71 7.74 27.65
N VAL A 257 36.60 6.51 28.20
CA VAL A 257 35.50 5.58 27.95
C VAL A 257 34.82 5.39 29.33
N PRO A 258 33.75 6.18 29.62
CA PRO A 258 33.12 6.11 30.96
C PRO A 258 32.21 4.89 31.17
N ILE A 259 32.77 3.85 31.80
CA ILE A 259 32.05 2.60 32.06
C ILE A 259 31.03 2.85 33.18
N GLN A 260 29.78 2.40 32.97
CA GLN A 260 28.66 2.62 33.89
C GLN A 260 28.37 1.45 34.83
N LEU A 261 28.61 0.19 34.36
CA LEU A 261 28.34 -1.07 35.06
C LEU A 261 26.86 -1.12 35.43
N LYS A 262 26.01 -0.91 34.43
CA LYS A 262 24.57 -0.88 34.63
C LYS A 262 23.86 -1.87 33.70
N GLU A 263 22.54 -1.96 33.85
CA GLU A 263 21.71 -2.79 33.00
C GLU A 263 21.47 -1.99 31.73
N THR A 264 21.54 -2.66 30.55
CA THR A 264 21.31 -1.99 29.28
C THR A 264 19.86 -1.58 29.24
N ALA A 265 19.60 -0.32 28.92
CA ALA A 265 18.21 0.14 28.89
C ALA A 265 17.41 -0.52 27.74
N GLU A 266 16.14 -0.79 28.03
CA GLU A 266 15.18 -1.42 27.15
C GLU A 266 15.08 -0.70 25.82
N TYR A 267 15.18 0.65 25.80
CA TYR A 267 15.09 1.38 24.53
C TYR A 267 16.34 1.11 23.70
N ILE A 268 17.52 0.95 24.37
CA ILE A 268 18.79 0.62 23.70
C ILE A 268 18.71 -0.81 23.18
N LYS A 269 18.04 -1.71 23.94
CA LYS A 269 17.85 -3.09 23.51
C LYS A 269 17.01 -3.11 22.24
N ASP A 270 15.96 -2.27 22.20
CA ASP A 270 15.09 -2.05 21.04
C ASP A 270 15.87 -1.60 19.79
N TYR A 271 16.78 -0.63 19.96
CA TYR A 271 17.54 -0.08 18.84
C TYR A 271 18.50 -1.10 18.30
N LYS A 272 19.00 -1.98 19.16
CA LYS A 272 19.93 -3.00 18.71
C LYS A 272 19.18 -4.09 17.96
N ALA A 273 17.92 -4.37 18.37
CA ALA A 273 17.04 -5.31 17.69
C ALA A 273 16.72 -4.77 16.29
N LEU A 274 16.45 -3.43 16.16
CA LEU A 274 16.23 -2.83 14.84
C LEU A 274 17.42 -3.09 13.92
N LYS A 275 18.67 -2.92 14.44
CA LYS A 275 19.86 -3.13 13.61
C LYS A 275 19.94 -4.58 13.20
N ALA A 276 19.57 -5.51 14.11
CA ALA A 276 19.56 -6.95 13.81
C ALA A 276 18.58 -7.22 12.65
N ILE A 277 17.30 -6.81 12.80
CA ILE A 277 16.22 -6.93 11.81
C ILE A 277 16.69 -6.40 10.45
N TRP A 278 17.30 -5.19 10.44
CA TRP A 278 17.81 -4.52 9.25
C TRP A 278 18.94 -5.36 8.59
N GLU A 279 19.87 -5.87 9.40
CA GLU A 279 20.98 -6.70 8.87
C GLU A 279 20.45 -8.04 8.36
N ALA A 280 19.45 -8.65 9.03
CA ALA A 280 18.84 -9.93 8.63
C ALA A 280 17.99 -9.80 7.35
N LEU A 281 17.44 -8.59 7.08
CA LEU A 281 16.55 -8.36 5.93
C LEU A 281 17.22 -7.49 4.83
N ASP A 282 18.55 -7.73 4.60
CA ASP A 282 19.40 -7.13 3.54
C ASP A 282 19.31 -5.60 3.54
N GLY A 283 19.29 -5.02 4.73
CA GLY A 283 19.19 -3.58 4.97
C GLY A 283 20.06 -2.66 4.13
N LYS A 284 21.31 -3.07 3.85
CA LYS A 284 22.23 -2.29 3.04
C LYS A 284 21.67 -2.07 1.63
N ASN A 285 20.82 -2.99 1.13
CA ASN A 285 20.24 -2.92 -0.20
C ASN A 285 18.77 -2.46 -0.21
N TRP A 286 18.30 -1.80 0.84
CA TRP A 286 16.96 -1.23 0.84
C TRP A 286 16.95 0.06 0.04
N ARG A 287 15.81 0.33 -0.65
CA ARG A 287 15.50 1.54 -1.41
C ARG A 287 14.00 1.75 -1.36
N TYR A 288 13.58 2.67 -0.48
CA TYR A 288 12.18 2.98 -0.29
C TYR A 288 11.58 3.57 -1.57
N TYR A 289 10.42 3.03 -1.99
CA TYR A 289 9.64 3.49 -3.13
C TYR A 289 8.34 4.07 -2.63
N SER A 290 8.12 5.37 -2.86
CA SER A 290 6.93 6.07 -2.39
C SER A 290 5.75 5.89 -3.33
N GLY A 291 5.99 5.39 -4.55
CA GLY A 291 4.96 5.13 -5.55
C GLY A 291 4.34 6.34 -6.24
N THR A 292 4.89 7.50 -5.97
CA THR A 292 4.37 8.74 -6.53
C THR A 292 5.53 9.71 -6.75
N ILE A 293 5.38 10.56 -7.76
CA ILE A 293 6.35 11.62 -8.04
C ILE A 293 5.63 12.91 -7.64
N ASN A 294 6.05 13.48 -6.52
CA ASN A 294 5.49 14.69 -5.92
C ASN A 294 6.63 15.65 -5.70
N ASN A 295 6.56 16.47 -4.63
CA ASN A 295 7.63 17.42 -4.31
C ASN A 295 8.54 16.91 -3.16
N THR A 296 8.32 15.67 -2.69
CA THR A 296 9.13 15.09 -1.63
C THR A 296 10.07 14.06 -2.22
N ILE A 297 11.33 14.11 -1.80
CA ILE A 297 12.31 13.09 -2.15
C ILE A 297 12.54 12.33 -0.87
N HIS A 298 11.82 11.21 -0.67
CA HIS A 298 11.91 10.45 0.58
C HIS A 298 13.26 9.81 0.77
N SER A 299 13.59 9.53 2.05
CA SER A 299 14.80 8.79 2.41
C SER A 299 14.68 7.39 1.85
N LEU A 300 15.77 6.87 1.30
CA LEU A 300 15.83 5.56 0.68
C LEU A 300 15.97 4.41 1.67
N ASN A 301 16.55 4.68 2.86
CA ASN A 301 16.87 3.60 3.79
C ASN A 301 17.03 4.08 5.20
N TRP A 302 17.17 3.13 6.13
CA TRP A 302 17.52 3.39 7.52
C TRP A 302 18.97 3.81 7.62
N ASN A 303 19.37 4.36 8.76
CA ASN A 303 20.74 4.79 8.95
C ASN A 303 21.22 4.50 10.38
N PHE A 304 22.33 3.74 10.49
CA PHE A 304 22.93 3.38 11.78
C PHE A 304 24.35 3.99 11.90
N ASN A 305 24.73 4.89 10.97
CA ASN A 305 26.04 5.58 11.01
C ASN A 305 25.87 6.90 11.76
N LYS A 306 25.33 6.76 12.96
CA LYS A 306 25.03 7.87 13.82
C LYS A 306 25.00 7.35 15.27
N GLU A 307 25.03 8.26 16.26
CA GLU A 307 25.00 7.97 17.69
C GLU A 307 23.87 6.99 18.03
N LEU A 308 24.21 5.94 18.81
CA LEU A 308 23.34 4.87 19.29
C LEU A 308 22.00 5.40 19.80
N ASP A 309 22.03 6.48 20.57
CA ASP A 309 20.86 7.12 21.14
C ASP A 309 19.87 7.60 20.05
N MSE A 310 20.34 7.73 18.80
CA MSE A 310 19.52 8.20 17.67
C MSE A 310 19.00 7.08 16.77
O MSE A 310 18.26 7.36 15.83
CB MSE A 310 20.33 9.18 16.79
CG MSE A 310 20.64 10.50 17.48
SE MSE A 310 19.02 11.33 18.13
CE MSE A 310 19.31 11.17 20.09
N TRP A 311 19.38 5.81 17.06
CA TRP A 311 19.01 4.66 16.23
C TRP A 311 17.49 4.44 16.15
N GLY A 312 16.71 5.01 17.07
CA GLY A 312 15.25 4.93 17.03
C GLY A 312 14.61 5.87 16.02
N ASP A 313 15.38 6.88 15.55
CA ASP A 313 14.96 7.82 14.52
C ASP A 313 15.18 7.19 13.13
N GLN A 314 14.16 6.48 12.64
CA GLN A 314 14.22 5.83 11.34
C GLN A 314 12.93 6.01 10.55
N PRO A 315 13.02 6.13 9.20
CA PRO A 315 11.78 6.21 8.40
C PRO A 315 11.00 4.89 8.50
N GLY A 316 9.77 4.98 8.99
CA GLY A 316 8.89 3.83 9.23
C GLY A 316 8.79 3.41 10.69
N VAL A 317 9.72 3.91 11.55
CA VAL A 317 9.76 3.60 12.98
C VAL A 317 9.14 4.75 13.74
N ASP A 318 8.20 4.40 14.64
CA ASP A 318 7.46 5.27 15.54
C ASP A 318 7.86 4.89 17.01
N LEU A 319 8.14 5.92 17.84
CA LEU A 319 8.62 5.74 19.21
C LEU A 319 7.71 6.39 20.23
N ASP A 320 7.86 5.95 21.50
CA ASP A 320 7.12 6.53 22.61
C ASP A 320 8.04 7.57 23.28
N ASN A 321 7.47 8.36 24.21
CA ASN A 321 8.12 9.43 24.98
C ASN A 321 9.40 8.92 25.73
N ASN A 322 9.50 7.60 26.04
CA ASN A 322 10.66 7.01 26.73
C ASN A 322 11.68 6.42 25.75
N GLY A 323 11.40 6.55 24.45
CA GLY A 323 12.29 6.12 23.37
C GLY A 323 12.09 4.73 22.82
N ARG A 324 11.06 4.02 23.29
CA ARG A 324 10.79 2.64 22.89
C ARG A 324 9.99 2.58 21.58
N VAL A 325 10.25 1.53 20.79
CA VAL A 325 9.63 1.31 19.47
C VAL A 325 8.14 0.94 19.65
N THR A 326 7.23 1.72 19.05
CA THR A 326 5.79 1.49 19.15
C THR A 326 5.18 1.12 17.81
N GLY A 327 5.91 1.44 16.74
CA GLY A 327 5.53 1.17 15.38
C GLY A 327 6.72 0.81 14.52
N LEU A 328 6.54 -0.17 13.65
CA LEU A 328 7.56 -0.56 12.71
C LEU A 328 6.91 -0.92 11.36
N SER A 329 7.32 -0.21 10.26
CA SER A 329 6.82 -0.51 8.92
C SER A 329 7.98 -0.73 7.95
N LEU A 330 8.08 -1.94 7.40
CA LEU A 330 9.12 -2.26 6.42
C LEU A 330 8.59 -2.08 5.00
N ALA A 331 7.33 -1.59 4.88
CA ALA A 331 6.68 -1.34 3.60
C ALA A 331 7.46 -0.30 2.77
N GLY A 332 7.63 -0.60 1.47
CA GLY A 332 8.28 0.26 0.51
C GLY A 332 9.77 0.06 0.30
N PHE A 333 10.47 -0.54 1.28
CA PHE A 333 11.92 -0.70 1.24
C PHE A 333 12.40 -1.86 0.38
N GLY A 334 11.59 -2.90 0.25
CA GLY A 334 11.96 -4.08 -0.51
C GLY A 334 12.92 -4.96 0.26
N ALA A 335 12.50 -5.39 1.46
CA ALA A 335 13.31 -6.23 2.32
C ALA A 335 13.44 -7.65 1.75
N LYS A 336 14.60 -8.30 1.97
CA LYS A 336 14.87 -9.66 1.52
C LYS A 336 15.44 -10.43 2.69
N GLY A 337 14.85 -11.57 3.04
CA GLY A 337 15.37 -12.39 4.13
C GLY A 337 14.38 -12.97 5.11
N ARG A 338 14.90 -13.26 6.32
CA ARG A 338 14.17 -13.93 7.40
C ARG A 338 14.04 -12.98 8.58
N VAL A 339 12.78 -12.74 9.07
CA VAL A 339 12.57 -11.86 10.23
C VAL A 339 13.18 -12.55 11.46
N PRO A 340 14.24 -11.96 12.08
CA PRO A 340 14.91 -12.65 13.20
C PRO A 340 14.12 -12.57 14.52
N ASP A 341 14.54 -13.36 15.53
CA ASP A 341 13.87 -13.46 16.83
C ASP A 341 13.98 -12.17 17.63
N ALA A 342 14.90 -11.28 17.21
CA ALA A 342 15.15 -9.96 17.78
C ALA A 342 13.87 -9.09 17.77
N ILE A 343 12.93 -9.34 16.83
CA ILE A 343 11.66 -8.60 16.77
C ILE A 343 10.83 -8.83 18.11
N GLY A 344 11.15 -9.90 18.84
CA GLY A 344 10.50 -10.21 20.12
C GLY A 344 10.79 -9.25 21.26
N GLN A 345 11.87 -8.47 21.11
CA GLN A 345 12.31 -7.47 22.08
C GLN A 345 11.41 -6.24 22.08
N LEU A 346 10.83 -5.90 20.93
CA LEU A 346 10.05 -4.68 20.72
C LEU A 346 8.64 -4.78 21.32
N THR A 347 8.56 -5.14 22.60
CA THR A 347 7.32 -5.41 23.36
C THR A 347 6.34 -4.19 23.43
N GLU A 348 6.80 -2.95 23.14
CA GLU A 348 5.91 -1.77 23.13
C GLU A 348 5.33 -1.55 21.71
N LEU A 349 5.60 -2.48 20.79
CA LEU A 349 5.15 -2.44 19.40
C LEU A 349 3.63 -2.59 19.34
N LYS A 350 2.95 -1.62 18.71
CA LYS A 350 1.50 -1.58 18.61
C LYS A 350 1.02 -1.72 17.16
N VAL A 351 1.85 -1.33 16.19
CA VAL A 351 1.54 -1.47 14.75
C VAL A 351 2.81 -2.03 14.08
N LEU A 352 2.67 -3.10 13.32
CA LEU A 352 3.76 -3.81 12.66
C LEU A 352 3.35 -4.18 11.26
N SER A 353 4.18 -3.82 10.29
CA SER A 353 3.84 -3.96 8.88
C SER A 353 5.07 -4.38 8.02
N PHE A 354 4.95 -5.50 7.27
CA PHE A 354 5.97 -6.08 6.39
C PHE A 354 5.63 -5.91 4.91
N GLY A 355 4.41 -5.46 4.67
CA GLY A 355 3.87 -5.22 3.34
C GLY A 355 2.49 -4.63 3.42
N THR A 356 1.93 -4.16 2.28
CA THR A 356 0.63 -3.48 2.21
C THR A 356 0.05 -3.64 0.81
N HIS A 357 -1.28 -3.64 0.72
CA HIS A 357 -1.98 -3.72 -0.55
C HIS A 357 -1.74 -2.43 -1.39
N SER A 358 -1.35 -1.35 -0.71
CA SER A 358 -1.11 0.01 -1.22
C SER A 358 0.40 0.31 -1.46
N GLU A 359 1.31 -0.62 -1.09
CA GLU A 359 2.76 -0.47 -1.16
C GLU A 359 3.24 0.04 -2.56
N THR A 360 2.78 -0.57 -3.66
CA THR A 360 3.21 -0.16 -5.02
C THR A 360 2.59 1.17 -5.46
N VAL A 361 1.57 1.63 -4.76
CA VAL A 361 0.90 2.88 -5.07
C VAL A 361 1.46 4.00 -4.20
N SER A 362 1.50 3.85 -2.87
CA SER A 362 1.90 4.93 -1.95
C SER A 362 2.89 4.50 -0.85
N GLY A 363 3.68 3.44 -1.10
CA GLY A 363 4.67 2.94 -0.14
C GLY A 363 4.11 2.63 1.24
N ARG A 364 4.63 3.38 2.22
CA ARG A 364 4.35 3.32 3.66
C ARG A 364 2.94 3.83 4.01
N LEU A 365 2.38 4.71 3.17
CA LEU A 365 1.08 5.33 3.38
C LEU A 365 -0.11 4.57 2.77
N PHE A 366 -1.30 4.94 3.26
CA PHE A 366 -2.63 4.53 2.83
C PHE A 366 -3.30 5.79 2.38
N GLY A 367 -3.06 6.12 1.12
CA GLY A 367 -3.49 7.39 0.56
C GLY A 367 -2.57 8.46 1.08
N ASP A 368 -3.04 9.25 2.04
CA ASP A 368 -2.25 10.31 2.64
C ASP A 368 -1.91 10.02 4.08
N GLU A 369 -2.67 9.15 4.77
CA GLU A 369 -2.32 8.93 6.18
C GLU A 369 -1.59 7.60 6.36
N GLU A 370 -0.92 7.52 7.51
CA GLU A 370 -0.07 6.40 7.87
C GLU A 370 -0.74 5.55 8.96
N LEU A 371 -0.20 4.38 9.17
CA LEU A 371 -0.65 3.44 10.19
C LEU A 371 0.11 3.81 11.46
N THR A 372 -0.60 4.25 12.50
CA THR A 372 0.07 4.71 13.71
C THR A 372 -0.45 4.04 14.97
N PRO A 373 0.36 4.02 16.06
CA PRO A 373 -0.13 3.42 17.30
C PRO A 373 -1.26 4.24 17.92
N ASP A 374 -2.20 3.51 18.55
CA ASP A 374 -3.36 4.01 19.30
C ASP A 374 -4.14 5.02 18.46
N MSE A 375 -4.82 4.51 17.42
CA MSE A 375 -5.67 5.33 16.55
C MSE A 375 -7.07 5.42 17.12
O MSE A 375 -7.48 4.52 17.84
CB MSE A 375 -5.70 4.74 15.13
CG MSE A 375 -4.40 4.84 14.37
SE MSE A 375 -4.50 4.17 12.53
CE MSE A 375 -5.18 2.48 12.82
N SER A 376 -7.82 6.47 16.74
CA SER A 376 -9.22 6.59 17.14
C SER A 376 -10.07 5.61 16.34
N GLU A 377 -11.31 5.34 16.80
CA GLU A 377 -12.25 4.48 16.08
C GLU A 377 -12.40 4.96 14.63
N GLU A 378 -12.37 6.30 14.41
CA GLU A 378 -12.49 6.95 13.09
C GLU A 378 -11.28 6.69 12.22
N ARG A 379 -10.07 6.94 12.74
CA ARG A 379 -8.81 6.76 12.02
C ARG A 379 -8.60 5.31 11.62
N LYS A 380 -8.96 4.37 12.54
CA LYS A 380 -8.85 2.91 12.37
C LYS A 380 -9.81 2.42 11.28
N HIS A 381 -11.03 2.98 11.26
CA HIS A 381 -12.05 2.63 10.30
C HIS A 381 -11.67 3.15 8.90
N ARG A 382 -11.12 4.37 8.80
CA ARG A 382 -10.64 4.95 7.54
C ARG A 382 -9.59 4.05 6.88
N ILE A 383 -8.68 3.48 7.70
CA ILE A 383 -7.60 2.58 7.29
C ILE A 383 -8.19 1.23 6.89
N ARG A 384 -9.18 0.72 7.65
CA ARG A 384 -9.85 -0.56 7.32
C ARG A 384 -10.63 -0.46 5.97
N MSE A 385 -11.19 0.73 5.66
CA MSE A 385 -11.97 0.97 4.45
C MSE A 385 -11.07 1.33 3.27
O MSE A 385 -11.60 1.53 2.15
CB MSE A 385 -13.01 2.12 4.67
CG MSE A 385 -14.17 1.78 5.64
SE MSE A 385 -15.11 0.07 5.39
CE MSE A 385 -14.09 -1.04 6.57
N HIS A 386 -9.71 1.41 3.46
CA HIS A 386 -8.82 1.77 2.35
C HIS A 386 -8.91 0.75 1.22
N TYR A 387 -8.85 -0.59 1.51
CA TYR A 387 -8.96 -1.62 0.46
C TYR A 387 -10.23 -1.39 -0.37
N LYS A 388 -11.37 -1.15 0.31
CA LYS A 388 -12.66 -0.94 -0.33
C LYS A 388 -12.61 0.24 -1.30
N LYS A 389 -12.03 1.38 -0.87
CA LYS A 389 -11.95 2.62 -1.68
C LYS A 389 -10.98 2.46 -2.84
N MSE A 390 -9.87 1.74 -2.60
CA MSE A 390 -8.84 1.53 -3.61
C MSE A 390 -9.25 0.58 -4.70
O MSE A 390 -8.78 0.77 -5.81
CB MSE A 390 -7.55 1.00 -2.96
CG MSE A 390 -6.43 0.68 -3.96
SE MSE A 390 -4.69 1.02 -3.27
CE MSE A 390 -3.80 -0.29 -4.09
N PHE A 391 -10.08 -0.46 -4.41
CA PHE A 391 -10.40 -1.42 -5.46
C PHE A 391 -11.87 -1.74 -5.68
N LEU A 392 -12.80 -1.35 -4.80
CA LEU A 392 -14.15 -1.91 -5.00
C LEU A 392 -15.20 -0.86 -5.27
N ASP A 393 -15.30 0.17 -4.46
CA ASP A 393 -16.34 1.20 -4.61
C ASP A 393 -16.14 2.08 -5.82
N TYR A 394 -17.25 2.49 -6.43
CA TYR A 394 -17.30 3.45 -7.52
C TYR A 394 -18.70 4.06 -7.57
N ASP A 395 -18.80 5.33 -7.97
CA ASP A 395 -20.05 6.07 -8.15
C ASP A 395 -20.88 5.39 -9.27
N GLN A 396 -22.06 4.84 -8.90
CA GLN A 396 -22.95 4.09 -9.81
C GLN A 396 -23.44 4.91 -11.00
N ARG A 397 -23.36 6.26 -10.88
CA ARG A 397 -23.71 7.16 -11.98
C ARG A 397 -22.65 7.16 -13.12
N LEU A 398 -21.51 6.43 -12.95
CA LEU A 398 -20.48 6.25 -13.99
C LEU A 398 -20.93 5.19 -15.03
N ASN A 399 -22.11 4.56 -14.81
CA ASN A 399 -22.75 3.57 -15.68
C ASN A 399 -23.77 4.26 -16.61
N LEU A 400 -24.00 5.58 -16.38
CA LEU A 400 -24.86 6.41 -17.21
C LEU A 400 -24.08 6.85 -18.41
N SER A 401 -24.79 7.30 -19.45
CA SER A 401 -24.17 7.84 -20.66
C SER A 401 -23.44 9.13 -20.36
N ASP A 402 -22.49 9.52 -21.25
CA ASP A 402 -21.76 10.76 -21.09
C ASP A 402 -22.74 11.92 -21.05
N LEU A 403 -23.80 11.93 -21.89
CA LEU A 403 -24.86 12.95 -21.85
C LEU A 403 -25.45 13.13 -20.44
N LEU A 404 -25.89 12.00 -19.80
CA LEU A 404 -26.58 12.03 -18.51
C LEU A 404 -25.62 12.40 -17.39
N GLN A 405 -24.33 12.09 -17.53
CA GLN A 405 -23.35 12.47 -16.52
C GLN A 405 -23.10 13.95 -16.57
N ASP A 406 -22.95 14.51 -17.79
CA ASP A 406 -22.74 15.93 -18.04
C ASP A 406 -23.89 16.72 -17.44
N ALA A 407 -25.14 16.28 -17.71
CA ALA A 407 -26.37 16.87 -17.18
C ALA A 407 -26.36 16.96 -15.61
N ILE A 408 -25.88 15.90 -14.93
CA ILE A 408 -25.81 15.86 -13.46
C ILE A 408 -24.67 16.75 -12.93
N ASN A 409 -23.51 16.71 -13.59
CA ASN A 409 -22.34 17.48 -13.20
C ASN A 409 -22.58 18.97 -13.29
N ARG A 410 -23.34 19.45 -14.30
CA ARG A 410 -23.63 20.88 -14.39
C ARG A 410 -24.98 21.21 -13.69
N ASN A 411 -25.48 20.32 -12.81
CA ASN A 411 -26.69 20.59 -12.03
C ASN A 411 -26.28 20.80 -10.57
N PRO A 412 -26.40 22.03 -10.01
CA PRO A 412 -25.97 22.26 -8.63
C PRO A 412 -26.93 21.66 -7.58
N GLU A 413 -28.13 21.19 -8.02
CA GLU A 413 -29.11 20.53 -7.13
C GLU A 413 -28.73 19.05 -6.86
N MSE A 414 -27.69 18.51 -7.56
CA MSE A 414 -27.22 17.13 -7.42
C MSE A 414 -25.70 17.11 -7.21
O MSE A 414 -25.00 17.98 -7.74
CB MSE A 414 -27.60 16.30 -8.66
CG MSE A 414 -29.11 16.10 -8.84
SE MSE A 414 -29.65 15.55 -10.68
CE MSE A 414 -31.65 15.63 -10.55
N LYS A 415 -25.19 16.15 -6.40
CA LYS A 415 -23.75 16.06 -6.10
C LYS A 415 -22.97 15.62 -7.37
N PRO A 416 -21.74 16.16 -7.60
CA PRO A 416 -21.00 15.80 -8.82
C PRO A 416 -20.60 14.33 -8.85
N ILE A 417 -20.41 13.79 -10.07
CA ILE A 417 -20.06 12.39 -10.25
C ILE A 417 -18.54 12.28 -10.10
N LYS A 418 -18.13 11.42 -9.13
CA LYS A 418 -16.75 11.12 -8.73
C LYS A 418 -16.07 10.17 -9.72
N LYS A 419 -15.08 10.66 -10.52
CA LYS A 419 -14.33 9.83 -11.51
C LYS A 419 -13.81 8.51 -10.88
N ASP A 420 -13.71 7.44 -11.69
CA ASP A 420 -13.24 6.18 -11.16
C ASP A 420 -11.71 6.27 -10.94
N SER A 421 -11.36 6.32 -9.65
CA SER A 421 -10.00 6.47 -9.16
C SER A 421 -9.40 5.11 -8.71
N ARG A 422 -10.19 4.03 -8.75
CA ARG A 422 -9.76 2.68 -8.35
C ARG A 422 -8.55 2.20 -9.14
N ILE A 423 -7.85 1.24 -8.57
CA ILE A 423 -6.74 0.60 -9.22
C ILE A 423 -7.29 -0.60 -9.99
N SER A 424 -7.03 -0.67 -11.31
CA SER A 424 -7.45 -1.85 -12.07
C SER A 424 -6.40 -2.91 -11.90
N LEU A 425 -6.85 -4.14 -11.62
CA LEU A 425 -5.97 -5.25 -11.35
C LEU A 425 -6.23 -6.42 -12.28
N LYS A 426 -5.25 -6.71 -13.18
CA LYS A 426 -5.31 -7.84 -14.12
C LYS A 426 -4.69 -9.09 -13.47
N ASP A 427 -5.01 -10.29 -14.02
CA ASP A 427 -4.53 -11.59 -13.53
C ASP A 427 -2.98 -11.70 -13.51
N THR A 428 -2.27 -10.93 -14.39
CA THR A 428 -0.80 -10.91 -14.49
C THR A 428 -0.17 -10.08 -13.35
N GLN A 429 -0.85 -9.01 -12.90
CA GLN A 429 -0.40 -8.12 -11.81
C GLN A 429 -0.41 -8.85 -10.44
N ILE A 430 -1.26 -9.90 -10.29
CA ILE A 430 -1.44 -10.69 -9.07
C ILE A 430 -0.28 -11.71 -8.98
N GLY A 431 0.37 -11.70 -7.82
CA GLY A 431 1.53 -12.53 -7.56
C GLY A 431 2.82 -11.74 -7.67
N ASN A 432 2.71 -10.42 -7.95
CA ASN A 432 3.89 -9.56 -8.06
C ASN A 432 4.34 -9.18 -6.65
N LEU A 433 5.61 -9.49 -6.35
CA LEU A 433 6.20 -9.30 -5.03
C LEU A 433 6.79 -7.92 -4.85
N THR A 434 6.64 -7.37 -3.63
CA THR A 434 7.18 -6.08 -3.22
C THR A 434 8.43 -6.29 -2.34
N ASN A 435 8.67 -7.56 -1.96
CA ASN A 435 9.76 -7.96 -1.07
C ASN A 435 10.07 -9.46 -1.23
N ARG A 436 11.24 -9.92 -0.73
CA ARG A 436 11.60 -11.34 -0.75
C ARG A 436 11.72 -11.86 0.73
N ILE A 437 10.74 -11.51 1.61
CA ILE A 437 10.67 -11.96 3.01
C ILE A 437 10.18 -13.42 3.00
N THR A 438 11.07 -14.37 3.31
CA THR A 438 10.78 -15.81 3.23
C THR A 438 10.47 -16.47 4.60
N PHE A 439 10.60 -15.73 5.71
CA PHE A 439 10.39 -16.30 7.04
C PHE A 439 9.99 -15.22 8.07
N ILE A 440 9.07 -15.58 8.98
CA ILE A 440 8.64 -14.72 10.08
C ILE A 440 8.83 -15.49 11.40
N SER A 441 9.78 -15.04 12.28
CA SER A 441 10.04 -15.62 13.61
C SER A 441 8.75 -15.76 14.45
N LYS A 442 8.65 -16.80 15.32
CA LYS A 442 7.44 -16.91 16.17
C LYS A 442 7.51 -15.91 17.39
N ALA A 443 8.62 -15.11 17.52
CA ALA A 443 8.78 -14.08 18.54
C ALA A 443 7.65 -13.02 18.48
N ILE A 444 6.88 -12.99 17.38
CA ILE A 444 5.72 -12.11 17.16
C ILE A 444 4.71 -12.34 18.34
N GLN A 445 4.69 -13.55 18.93
CA GLN A 445 3.85 -13.96 20.07
C GLN A 445 4.20 -13.24 21.38
N ARG A 446 5.32 -12.50 21.41
CA ARG A 446 5.78 -11.78 22.60
C ARG A 446 5.31 -10.31 22.56
N LEU A 447 4.85 -9.83 21.40
CA LEU A 447 4.38 -8.46 21.15
C LEU A 447 2.92 -8.35 21.53
N THR A 448 2.66 -8.39 22.85
CA THR A 448 1.32 -8.45 23.46
C THR A 448 0.52 -7.14 23.27
N LYS A 449 1.19 -5.99 23.02
CA LYS A 449 0.49 -4.71 22.85
C LYS A 449 0.11 -4.44 21.37
N LEU A 450 0.46 -5.39 20.47
CA LEU A 450 0.23 -5.33 19.02
C LEU A 450 -1.26 -5.27 18.73
N GLN A 451 -1.65 -4.23 17.97
CA GLN A 451 -3.03 -3.90 17.56
C GLN A 451 -3.31 -4.24 16.10
N ILE A 452 -2.32 -3.97 15.21
CA ILE A 452 -2.44 -4.18 13.78
C ILE A 452 -1.15 -4.82 13.22
N ILE A 453 -1.28 -5.91 12.42
CA ILE A 453 -0.16 -6.60 11.77
C ILE A 453 -0.51 -6.75 10.27
N TYR A 454 0.38 -6.27 9.39
CA TYR A 454 0.23 -6.31 7.93
C TYR A 454 1.37 -7.07 7.26
N PHE A 455 1.00 -8.10 6.49
CA PHE A 455 1.85 -8.93 5.63
C PHE A 455 1.32 -8.85 4.25
N ALA A 456 2.15 -8.55 3.27
CA ALA A 456 1.66 -8.51 1.90
C ALA A 456 2.80 -8.61 0.91
N ASN A 457 2.48 -9.17 -0.27
CA ASN A 457 3.33 -9.34 -1.45
C ASN A 457 4.67 -9.96 -1.10
N SER A 458 4.61 -11.05 -0.29
CA SER A 458 5.75 -11.84 0.18
C SER A 458 5.75 -13.26 -0.41
N PRO A 459 6.94 -13.87 -0.60
CA PRO A 459 6.97 -15.22 -1.18
C PRO A 459 6.98 -16.36 -0.14
N PHE A 460 6.72 -16.10 1.15
CA PHE A 460 6.79 -17.19 2.15
C PHE A 460 5.65 -18.22 1.99
N THR A 461 5.87 -19.41 2.54
CA THR A 461 4.93 -20.54 2.58
C THR A 461 4.18 -20.45 3.94
N TYR A 462 3.00 -21.05 4.09
CA TYR A 462 2.14 -20.86 5.28
C TYR A 462 2.78 -21.39 6.59
N ASP A 463 3.72 -22.33 6.49
CA ASP A 463 4.38 -22.98 7.62
C ASP A 463 5.60 -22.17 8.13
N ASN A 464 5.90 -21.05 7.47
CA ASN A 464 7.01 -20.19 7.83
C ASN A 464 6.55 -18.85 8.40
N ILE A 465 5.23 -18.71 8.65
CA ILE A 465 4.65 -17.50 9.21
C ILE A 465 4.43 -17.72 10.71
N ALA A 466 5.40 -17.26 11.52
CA ALA A 466 5.43 -17.25 12.99
C ALA A 466 5.11 -18.63 13.60
N VAL A 467 5.73 -19.68 13.05
CA VAL A 467 5.57 -21.06 13.47
C VAL A 467 6.82 -21.50 14.30
N ASP A 468 8.02 -20.99 13.94
CA ASP A 468 9.29 -21.39 14.59
C ASP A 468 10.24 -20.23 14.88
N TRP A 469 11.29 -20.50 15.65
CA TRP A 469 12.35 -19.54 15.86
C TRP A 469 13.13 -19.38 14.57
N GLU A 470 13.58 -18.14 14.28
CA GLU A 470 14.38 -17.89 13.09
C GLU A 470 15.76 -18.57 13.27
N ASP A 471 16.24 -18.65 14.53
CA ASP A 471 17.47 -19.35 14.97
C ASP A 471 17.27 -19.71 16.44
N ALA A 472 17.06 -21.02 16.69
CA ALA A 472 16.82 -21.55 18.04
C ALA A 472 18.00 -21.30 18.99
N ASN A 473 19.20 -20.98 18.44
CA ASN A 473 20.41 -20.77 19.24
C ASN A 473 20.77 -19.29 19.35
N SER A 474 19.85 -18.39 18.99
CA SER A 474 20.05 -16.94 19.16
C SER A 474 19.82 -16.61 20.63
N ASP A 475 20.47 -15.54 21.14
CA ASP A 475 20.32 -15.19 22.54
C ASP A 475 18.82 -14.92 22.87
N TYR A 476 18.08 -14.36 21.89
CA TYR A 476 16.65 -14.08 21.97
C TYR A 476 15.80 -15.36 22.08
N ALA A 477 15.98 -16.37 21.17
CA ALA A 477 15.22 -17.63 21.17
C ALA A 477 15.59 -18.49 22.34
N LYS A 478 16.83 -18.38 22.81
CA LYS A 478 17.30 -19.10 23.98
C LYS A 478 16.60 -18.57 25.22
N GLN A 479 16.14 -17.31 25.19
CA GLN A 479 15.45 -16.72 26.33
C GLN A 479 13.94 -16.97 26.24
N TYR A 480 13.31 -16.65 25.08
CA TYR A 480 11.88 -16.70 24.87
C TYR A 480 11.32 -18.16 24.88
N GLU A 481 12.20 -19.18 24.71
CA GLU A 481 11.84 -20.61 24.78
C GLU A 481 11.37 -20.94 26.20
N ASN A 482 11.97 -20.24 27.18
CA ASN A 482 11.71 -20.41 28.61
C ASN A 482 10.53 -19.53 29.07
N GLU A 483 9.96 -18.74 28.17
CA GLU A 483 8.78 -17.92 28.48
C GLU A 483 7.56 -18.58 27.86
N GLU A 484 6.42 -18.49 28.53
CA GLU A 484 5.21 -19.13 28.02
C GLU A 484 4.54 -18.20 26.96
N LEU A 485 5.16 -18.17 25.76
CA LEU A 485 4.70 -17.38 24.61
C LEU A 485 3.52 -18.04 23.92
N SER A 486 2.38 -17.34 23.84
CA SER A 486 1.19 -17.84 23.18
C SER A 486 0.42 -16.72 22.52
N TRP A 487 -0.27 -17.06 21.41
CA TRP A 487 -1.10 -16.15 20.62
C TRP A 487 -2.28 -15.63 21.43
N SER A 488 -2.72 -16.40 22.44
CA SER A 488 -3.85 -16.07 23.31
C SER A 488 -3.61 -14.75 24.09
N ASN A 489 -2.35 -14.26 24.14
CA ASN A 489 -1.97 -13.04 24.87
C ASN A 489 -2.06 -11.78 23.99
N LEU A 490 -2.28 -11.92 22.66
CA LEU A 490 -2.39 -10.74 21.80
C LEU A 490 -3.87 -10.37 21.75
N LYS A 491 -4.39 -9.94 22.90
CA LYS A 491 -5.79 -9.62 23.14
C LYS A 491 -6.13 -8.19 22.60
N ASP A 492 -5.13 -7.49 22.01
CA ASP A 492 -5.30 -6.17 21.40
C ASP A 492 -5.21 -6.22 19.87
N LEU A 493 -4.78 -7.38 19.28
CA LEU A 493 -4.60 -7.57 17.84
C LEU A 493 -5.96 -7.82 17.18
N THR A 494 -6.52 -6.76 16.58
CA THR A 494 -7.82 -6.77 15.93
C THR A 494 -7.74 -6.78 14.41
N ASP A 495 -6.63 -6.29 13.86
CA ASP A 495 -6.48 -6.20 12.40
C ASP A 495 -5.29 -6.97 11.91
N VAL A 496 -5.52 -7.83 10.89
CA VAL A 496 -4.49 -8.66 10.21
C VAL A 496 -4.70 -8.59 8.73
N GLU A 497 -3.60 -8.45 7.97
CA GLU A 497 -3.59 -8.48 6.51
C GLU A 497 -2.54 -9.48 6.04
N LEU A 498 -2.99 -10.40 5.18
CA LEU A 498 -2.23 -11.42 4.47
C LEU A 498 -2.61 -11.32 3.01
N TYR A 499 -2.20 -10.22 2.39
CA TYR A 499 -2.55 -9.85 1.01
C TYR A 499 -1.51 -10.34 0.03
N ASN A 500 -1.98 -10.90 -1.08
CA ASN A 500 -1.18 -11.31 -2.23
C ASN A 500 0.15 -12.01 -1.84
N CYS A 501 0.05 -13.20 -1.20
CA CYS A 501 1.18 -14.08 -0.83
C CYS A 501 1.05 -15.36 -1.71
N PRO A 502 1.73 -15.29 -2.88
CA PRO A 502 1.55 -16.28 -3.94
C PRO A 502 1.79 -17.74 -3.55
N ASN A 503 2.78 -18.02 -2.69
CA ASN A 503 3.21 -19.39 -2.40
C ASN A 503 2.55 -19.96 -1.16
N MSE A 504 1.54 -19.25 -0.66
CA MSE A 504 0.78 -19.64 0.51
C MSE A 504 -0.36 -20.55 0.05
O MSE A 504 -1.26 -20.11 -0.68
CB MSE A 504 0.29 -18.38 1.22
CG MSE A 504 0.27 -18.50 2.70
SE MSE A 504 -0.27 -16.85 3.52
CE MSE A 504 -2.06 -16.60 2.68
N THR A 505 -0.28 -21.85 0.43
CA THR A 505 -1.22 -22.88 -0.04
C THR A 505 -2.46 -23.02 0.86
N GLN A 506 -2.40 -22.45 2.08
CA GLN A 506 -3.52 -22.38 3.02
C GLN A 506 -3.28 -21.21 3.99
N LEU A 507 -4.30 -20.85 4.78
CA LEU A 507 -4.13 -19.76 5.73
C LEU A 507 -3.30 -20.29 6.88
N PRO A 508 -2.33 -19.48 7.39
CA PRO A 508 -1.49 -19.92 8.50
C PRO A 508 -2.31 -20.09 9.80
N ASP A 509 -1.86 -21.04 10.66
CA ASP A 509 -2.51 -21.42 11.92
C ASP A 509 -2.67 -20.29 12.94
N PHE A 510 -1.77 -19.27 12.92
CA PHE A 510 -1.77 -18.21 13.92
C PHE A 510 -3.12 -17.45 13.93
N LEU A 511 -3.82 -17.34 12.76
CA LEU A 511 -5.11 -16.63 12.64
C LEU A 511 -6.20 -17.21 13.52
N TYR A 512 -6.24 -18.54 13.64
CA TYR A 512 -7.27 -19.27 14.37
C TYR A 512 -7.04 -19.24 15.89
N ASP A 513 -5.85 -18.81 16.31
CA ASP A 513 -5.48 -18.75 17.73
C ASP A 513 -5.52 -17.31 18.26
N LEU A 514 -5.96 -16.35 17.43
CA LEU A 514 -6.05 -14.96 17.83
C LEU A 514 -7.33 -14.76 18.60
N PRO A 515 -7.24 -14.13 19.79
CA PRO A 515 -8.44 -13.96 20.65
C PRO A 515 -9.46 -12.92 20.17
N GLU A 516 -8.99 -11.75 19.70
CA GLU A 516 -9.85 -10.63 19.37
C GLU A 516 -9.74 -10.12 17.92
N LEU A 517 -9.63 -11.04 16.94
CA LEU A 517 -9.54 -10.66 15.53
C LEU A 517 -10.89 -10.09 15.08
N GLN A 518 -10.86 -8.96 14.36
CA GLN A 518 -12.04 -8.25 13.90
C GLN A 518 -12.03 -7.98 12.41
N SER A 519 -10.86 -7.63 11.85
CA SER A 519 -10.66 -7.30 10.44
C SER A 519 -9.57 -8.19 9.86
N LEU A 520 -9.91 -8.89 8.75
CA LEU A 520 -9.00 -9.80 8.07
C LEU A 520 -9.09 -9.61 6.55
N ASN A 521 -7.92 -9.51 5.90
CA ASN A 521 -7.77 -9.34 4.46
C ASN A 521 -6.90 -10.44 3.93
N ILE A 522 -7.48 -11.36 3.12
CA ILE A 522 -6.72 -12.49 2.57
C ILE A 522 -6.86 -12.49 1.03
N ALA A 523 -7.07 -11.33 0.43
CA ALA A 523 -7.21 -11.21 -1.01
C ALA A 523 -5.91 -11.51 -1.77
N CYS A 524 -6.04 -12.07 -3.01
CA CYS A 524 -5.01 -12.40 -4.01
C CYS A 524 -4.11 -13.55 -3.52
N ASN A 525 -4.71 -14.52 -2.85
CA ASN A 525 -3.99 -15.69 -2.38
C ASN A 525 -4.43 -16.87 -3.23
N ARG A 526 -4.22 -16.71 -4.55
CA ARG A 526 -4.58 -17.69 -5.57
C ARG A 526 -3.68 -18.95 -5.47
N GLY A 527 -2.84 -18.99 -4.42
CA GLY A 527 -2.01 -20.15 -4.07
C GLY A 527 -2.87 -21.18 -3.36
N ILE A 528 -3.95 -20.70 -2.70
CA ILE A 528 -4.96 -21.51 -2.01
C ILE A 528 -5.97 -22.00 -3.07
N SER A 529 -6.29 -23.30 -3.06
CA SER A 529 -7.22 -23.88 -4.04
C SER A 529 -8.63 -23.58 -3.65
N ALA A 530 -9.61 -23.84 -4.55
CA ALA A 530 -11.03 -23.66 -4.26
C ALA A 530 -11.46 -24.54 -3.07
N ALA A 531 -10.95 -25.78 -3.05
CA ALA A 531 -11.25 -26.70 -1.97
C ALA A 531 -10.64 -26.22 -0.66
N GLN A 532 -9.37 -25.76 -0.73
CA GLN A 532 -8.64 -25.32 0.44
C GLN A 532 -9.23 -24.04 1.03
N LEU A 533 -9.63 -23.09 0.20
CA LEU A 533 -10.19 -21.85 0.68
C LEU A 533 -11.52 -22.09 1.38
N LYS A 534 -12.38 -23.00 0.84
CA LYS A 534 -13.69 -23.34 1.42
C LYS A 534 -13.47 -23.94 2.82
N ALA A 535 -12.48 -24.81 2.95
CA ALA A 535 -12.08 -25.40 4.22
C ALA A 535 -11.63 -24.32 5.23
N ASP A 536 -10.73 -23.44 4.79
CA ASP A 536 -10.16 -22.38 5.61
C ASP A 536 -11.25 -21.42 6.11
N TRP A 537 -12.19 -21.01 5.22
CA TRP A 537 -13.27 -20.13 5.62
C TRP A 537 -14.20 -20.87 6.59
N THR A 538 -14.53 -22.15 6.31
CA THR A 538 -15.34 -22.97 7.21
C THR A 538 -14.69 -23.00 8.60
N ARG A 539 -13.35 -23.27 8.69
CA ARG A 539 -12.62 -23.35 9.97
C ARG A 539 -12.76 -22.05 10.74
N LEU A 540 -12.52 -20.93 10.05
CA LEU A 540 -12.61 -19.57 10.55
C LEU A 540 -14.00 -19.28 11.16
N ALA A 541 -15.08 -19.67 10.45
CA ALA A 541 -16.46 -19.46 10.90
C ALA A 541 -16.83 -20.38 12.08
N ASP A 542 -16.40 -21.66 12.00
CA ASP A 542 -16.66 -22.67 13.02
C ASP A 542 -15.85 -22.41 14.31
N ASP A 543 -14.66 -21.77 14.19
CA ASP A 543 -13.78 -21.46 15.33
C ASP A 543 -14.53 -20.55 16.34
N GLU A 544 -14.61 -20.99 17.60
CA GLU A 544 -15.31 -20.29 18.69
C GLU A 544 -14.55 -19.02 19.09
N ASP A 545 -13.24 -18.91 18.70
CA ASP A 545 -12.42 -17.71 18.94
C ASP A 545 -12.87 -16.61 18.01
N THR A 546 -12.41 -16.74 16.76
CA THR A 546 -12.54 -15.80 15.66
C THR A 546 -13.97 -15.77 15.04
N GLY A 547 -14.61 -16.93 14.86
CA GLY A 547 -15.94 -17.00 14.24
C GLY A 547 -16.93 -15.91 14.61
N PRO A 548 -17.29 -15.81 15.92
CA PRO A 548 -18.24 -14.77 16.33
C PRO A 548 -17.63 -13.36 16.52
N LYS A 549 -16.31 -13.15 16.21
CA LYS A 549 -15.60 -11.87 16.42
C LYS A 549 -15.30 -11.07 15.11
N ILE A 550 -15.15 -11.78 13.96
CA ILE A 550 -14.86 -11.20 12.64
C ILE A 550 -15.98 -10.23 12.29
N GLN A 551 -15.59 -9.02 11.86
CA GLN A 551 -16.45 -7.90 11.45
C GLN A 551 -16.23 -7.54 9.97
N ILE A 552 -14.95 -7.58 9.53
CA ILE A 552 -14.54 -7.25 8.15
C ILE A 552 -13.81 -8.44 7.56
N PHE A 553 -14.29 -8.91 6.42
CA PHE A 553 -13.62 -10.00 5.75
C PHE A 553 -13.45 -9.67 4.24
N TYR A 554 -12.20 -9.40 3.83
CA TYR A 554 -11.79 -9.19 2.44
C TYR A 554 -11.18 -10.45 1.91
N MSE A 555 -11.80 -11.11 0.94
CA MSE A 555 -11.23 -12.33 0.35
C MSE A 555 -11.41 -12.33 -1.19
O MSE A 555 -11.58 -13.39 -1.81
CB MSE A 555 -11.82 -13.60 0.99
CG MSE A 555 -13.33 -13.62 1.03
SE MSE A 555 -13.94 -15.44 1.06
CE MSE A 555 -13.57 -15.92 -0.80
N GLY A 556 -11.30 -11.17 -1.79
CA GLY A 556 -11.40 -11.01 -3.23
C GLY A 556 -10.20 -11.53 -3.98
N TYR A 557 -10.33 -11.71 -5.30
CA TYR A 557 -9.27 -12.17 -6.23
C TYR A 557 -8.67 -13.48 -5.80
N ASN A 558 -9.54 -14.41 -5.35
CA ASN A 558 -9.19 -15.74 -4.89
C ASN A 558 -9.86 -16.79 -5.76
N ASN A 559 -9.94 -18.04 -5.29
CA ASN A 559 -10.41 -19.17 -6.10
C ASN A 559 -11.66 -19.86 -5.57
N LEU A 560 -12.37 -19.25 -4.61
CA LEU A 560 -13.57 -19.87 -4.05
C LEU A 560 -14.62 -20.22 -5.14
N GLU A 561 -15.13 -21.46 -5.14
CA GLU A 561 -16.18 -21.87 -6.08
C GLU A 561 -17.54 -22.05 -5.33
N GLU A 562 -17.47 -22.44 -4.04
CA GLU A 562 -18.61 -22.68 -3.14
C GLU A 562 -18.46 -22.00 -1.78
N PHE A 563 -19.54 -21.39 -1.26
CA PHE A 563 -19.57 -20.82 0.08
C PHE A 563 -19.66 -21.93 1.12
N PRO A 564 -19.01 -21.79 2.30
CA PRO A 564 -19.17 -22.81 3.36
C PRO A 564 -20.63 -23.04 3.74
N ALA A 565 -20.93 -24.18 4.38
CA ALA A 565 -22.25 -24.56 4.88
C ALA A 565 -22.89 -23.41 5.66
N SER A 566 -24.18 -23.14 5.39
CA SER A 566 -24.92 -22.04 6.02
C SER A 566 -24.79 -22.06 7.56
N ALA A 567 -24.94 -23.24 8.19
CA ALA A 567 -24.88 -23.40 9.64
C ALA A 567 -23.57 -22.85 10.24
N SER A 568 -22.51 -22.73 9.42
CA SER A 568 -21.21 -22.24 9.85
C SER A 568 -21.13 -20.75 9.63
N LEU A 569 -21.60 -20.28 8.46
CA LEU A 569 -21.64 -18.87 8.09
C LEU A 569 -22.55 -18.07 9.02
N GLN A 570 -23.57 -18.72 9.60
CA GLN A 570 -24.51 -18.15 10.58
C GLN A 570 -23.80 -17.80 11.90
N LYS A 571 -22.69 -18.51 12.23
CA LYS A 571 -21.92 -18.28 13.46
C LYS A 571 -21.18 -16.93 13.42
N MSE A 572 -20.93 -16.38 12.21
CA MSE A 572 -20.24 -15.10 12.00
C MSE A 572 -21.22 -13.95 12.28
O MSE A 572 -21.54 -13.12 11.42
CB MSE A 572 -19.66 -15.01 10.58
CG MSE A 572 -18.75 -16.15 10.22
SE MSE A 572 -17.71 -15.67 8.68
CE MSE A 572 -16.23 -14.89 9.57
N VAL A 573 -21.69 -13.91 13.52
CA VAL A 573 -22.69 -13.04 14.10
C VAL A 573 -22.31 -11.54 13.96
N LYS A 574 -21.03 -11.17 14.09
CA LYS A 574 -20.65 -9.77 14.06
C LYS A 574 -20.13 -9.32 12.69
N LEU A 575 -20.39 -10.06 11.61
CA LEU A 575 -19.89 -9.69 10.28
C LEU A 575 -20.64 -8.46 9.76
N GLY A 576 -19.90 -7.55 9.12
CA GLY A 576 -20.38 -6.28 8.59
C GLY A 576 -19.88 -5.94 7.20
N LEU A 577 -18.75 -6.55 6.76
CA LEU A 577 -18.20 -6.33 5.42
C LEU A 577 -17.78 -7.64 4.83
N LEU A 578 -18.17 -7.88 3.57
CA LEU A 578 -17.79 -9.09 2.87
C LEU A 578 -17.47 -8.76 1.42
N ASP A 579 -16.23 -9.07 0.99
CA ASP A 579 -15.69 -8.90 -0.35
C ASP A 579 -15.32 -10.27 -0.91
N CYS A 580 -16.02 -10.70 -1.98
CA CYS A 580 -15.78 -11.95 -2.70
C CYS A 580 -15.65 -11.69 -4.16
N VAL A 581 -15.17 -10.51 -4.51
CA VAL A 581 -15.02 -10.18 -5.92
C VAL A 581 -13.92 -11.05 -6.52
N HIS A 582 -14.05 -11.32 -7.83
CA HIS A 582 -13.11 -12.05 -8.65
C HIS A 582 -12.71 -13.39 -8.02
N ASN A 583 -13.72 -14.17 -7.67
CA ASN A 583 -13.54 -15.54 -7.27
C ASN A 583 -14.13 -16.33 -8.41
N LYS A 584 -14.62 -17.54 -8.17
CA LYS A 584 -15.26 -18.35 -9.20
C LYS A 584 -16.55 -18.93 -8.58
N VAL A 585 -17.16 -18.11 -7.67
CA VAL A 585 -18.31 -18.52 -6.85
C VAL A 585 -19.49 -18.87 -7.75
N ARG A 586 -19.91 -20.15 -7.68
CA ARG A 586 -21.06 -20.69 -8.42
C ARG A 586 -22.20 -21.05 -7.46
N HIS A 587 -21.92 -21.12 -6.12
CA HIS A 587 -22.91 -21.50 -5.12
C HIS A 587 -22.78 -20.70 -3.80
N LEU A 588 -23.86 -19.98 -3.44
CA LEU A 588 -23.97 -19.21 -2.18
C LEU A 588 -24.72 -19.97 -1.09
N GLU A 589 -24.36 -19.70 0.16
CA GLU A 589 -25.04 -20.22 1.35
C GLU A 589 -25.44 -19.01 2.17
N ALA A 590 -26.57 -19.06 2.84
CA ALA A 590 -27.02 -17.89 3.58
C ALA A 590 -26.31 -17.73 4.93
N PHE A 591 -26.19 -16.47 5.39
CA PHE A 591 -25.71 -16.05 6.72
C PHE A 591 -26.89 -15.96 7.68
N GLY A 592 -28.05 -15.63 7.10
CA GLY A 592 -29.27 -15.43 7.84
C GLY A 592 -29.49 -13.94 8.03
N THR A 593 -30.73 -13.57 8.37
CA THR A 593 -31.17 -12.19 8.57
C THR A 593 -30.65 -11.57 9.89
N ASN A 594 -29.98 -12.36 10.73
CA ASN A 594 -29.39 -11.89 11.99
C ASN A 594 -27.98 -11.32 11.74
N VAL A 595 -27.44 -11.54 10.53
CA VAL A 595 -26.16 -11.00 10.09
C VAL A 595 -26.50 -9.74 9.28
N LYS A 596 -26.20 -8.58 9.88
CA LYS A 596 -26.43 -7.24 9.35
C LYS A 596 -25.15 -6.71 8.67
N LEU A 597 -25.13 -6.68 7.32
CA LEU A 597 -23.99 -6.20 6.56
C LEU A 597 -24.14 -4.75 6.14
N THR A 598 -23.06 -3.98 6.24
CA THR A 598 -22.98 -2.59 5.77
C THR A 598 -22.43 -2.60 4.36
N ASP A 599 -21.54 -3.57 4.08
CA ASP A 599 -20.93 -3.69 2.78
C ASP A 599 -20.94 -5.11 2.31
N LEU A 600 -21.31 -5.29 1.04
CA LEU A 600 -21.35 -6.59 0.41
C LEU A 600 -20.96 -6.40 -1.03
N LYS A 601 -19.86 -7.05 -1.44
CA LYS A 601 -19.30 -6.98 -2.78
C LYS A 601 -19.14 -8.40 -3.32
N LEU A 602 -20.07 -8.83 -4.18
CA LEU A 602 -20.05 -10.18 -4.76
C LEU A 602 -19.76 -10.14 -6.26
N ASP A 603 -19.30 -8.97 -6.77
CA ASP A 603 -19.02 -8.74 -8.20
C ASP A 603 -18.00 -9.72 -8.77
N TYR A 604 -18.10 -9.97 -10.08
CA TYR A 604 -17.22 -10.83 -10.86
C TYR A 604 -17.11 -12.24 -10.26
N ASN A 605 -18.18 -13.03 -10.42
CA ASN A 605 -18.27 -14.44 -10.04
C ASN A 605 -19.20 -15.17 -11.05
N GLN A 606 -19.85 -16.25 -10.65
CA GLN A 606 -20.76 -17.02 -11.50
C GLN A 606 -22.02 -17.41 -10.71
N ILE A 607 -22.56 -16.46 -9.94
CA ILE A 607 -23.74 -16.65 -9.10
C ILE A 607 -24.97 -16.50 -9.98
N GLU A 608 -25.90 -17.49 -9.91
CA GLU A 608 -27.14 -17.54 -10.69
C GLU A 608 -28.34 -17.03 -9.89
N GLU A 609 -28.33 -17.32 -8.57
CA GLU A 609 -29.35 -16.92 -7.61
C GLU A 609 -28.76 -16.61 -6.25
N ILE A 610 -29.32 -15.59 -5.56
CA ILE A 610 -28.93 -15.18 -4.20
C ILE A 610 -30.03 -15.67 -3.24
N PRO A 611 -29.71 -16.45 -2.16
CA PRO A 611 -30.77 -16.94 -1.25
C PRO A 611 -31.60 -15.80 -0.62
N GLU A 612 -32.97 -15.95 -0.54
CA GLU A 612 -33.92 -14.93 -0.04
C GLU A 612 -33.57 -14.52 1.43
N ASP A 613 -32.75 -15.37 2.11
CA ASP A 613 -32.25 -15.20 3.48
C ASP A 613 -30.70 -15.04 3.51
N PHE A 614 -30.06 -14.64 2.36
CA PHE A 614 -28.60 -14.51 2.25
C PHE A 614 -28.05 -13.76 3.45
N CYS A 615 -28.61 -12.56 3.71
CA CYS A 615 -28.30 -11.70 4.85
C CYS A 615 -29.32 -10.59 4.96
N ALA A 616 -29.06 -9.71 5.94
CA ALA A 616 -29.75 -8.47 6.24
C ALA A 616 -28.75 -7.33 6.07
N PHE A 617 -29.22 -6.08 6.13
CA PHE A 617 -28.34 -4.93 5.93
C PHE A 617 -28.54 -3.90 7.02
N THR A 618 -27.49 -3.08 7.27
CA THR A 618 -27.53 -2.02 8.29
C THR A 618 -28.01 -0.70 7.66
N ASP A 619 -28.30 0.28 8.54
CA ASP A 619 -28.76 1.63 8.21
C ASP A 619 -27.56 2.54 7.79
N GLN A 620 -26.44 1.91 7.41
CA GLN A 620 -25.20 2.60 7.05
C GLN A 620 -24.75 2.25 5.63
N VAL A 621 -25.48 1.35 4.93
CA VAL A 621 -25.14 0.84 3.59
C VAL A 621 -25.04 1.95 2.57
N GLU A 622 -23.93 1.99 1.84
CA GLU A 622 -23.81 2.97 0.76
C GLU A 622 -24.15 2.26 -0.58
N GLY A 623 -23.25 1.43 -1.11
CA GLY A 623 -23.46 0.70 -2.36
C GLY A 623 -23.07 -0.76 -2.29
N LEU A 624 -23.96 -1.62 -2.76
CA LEU A 624 -23.80 -3.07 -2.81
C LEU A 624 -23.46 -3.54 -4.22
N GLY A 625 -22.58 -4.54 -4.35
CA GLY A 625 -22.16 -5.01 -5.66
C GLY A 625 -22.52 -6.45 -5.94
N PHE A 626 -23.28 -6.67 -7.02
CA PHE A 626 -23.69 -8.00 -7.50
C PHE A 626 -23.46 -8.09 -9.00
N SER A 627 -22.68 -7.15 -9.56
CA SER A 627 -22.43 -7.08 -10.98
C SER A 627 -21.55 -8.22 -11.44
N HIS A 628 -21.54 -8.46 -12.76
CA HIS A 628 -20.71 -9.43 -13.45
C HIS A 628 -20.88 -10.82 -12.84
N ASN A 629 -22.12 -11.33 -12.93
CA ASN A 629 -22.48 -12.68 -12.49
C ASN A 629 -23.40 -13.29 -13.56
N LYS A 630 -24.20 -14.30 -13.17
CA LYS A 630 -25.11 -14.98 -14.08
C LYS A 630 -26.53 -14.94 -13.47
N LEU A 631 -26.79 -13.88 -12.64
CA LEU A 631 -28.06 -13.71 -11.92
C LEU A 631 -29.23 -13.66 -12.88
N LYS A 632 -30.22 -14.56 -12.66
CA LYS A 632 -31.46 -14.68 -13.43
C LYS A 632 -32.54 -13.70 -12.94
N TYR A 633 -32.51 -13.35 -11.63
CA TYR A 633 -33.52 -12.51 -10.95
C TYR A 633 -32.93 -11.53 -9.94
N ILE A 634 -33.69 -10.43 -9.67
CA ILE A 634 -33.36 -9.48 -8.61
C ILE A 634 -33.75 -10.19 -7.31
N PRO A 635 -32.77 -10.44 -6.38
CA PRO A 635 -33.13 -11.16 -5.14
C PRO A 635 -34.01 -10.31 -4.21
N ASN A 636 -35.00 -10.93 -3.55
CA ASN A 636 -35.92 -10.24 -2.63
C ASN A 636 -35.30 -10.13 -1.21
N ILE A 637 -34.11 -9.48 -1.12
CA ILE A 637 -33.36 -9.33 0.13
C ILE A 637 -33.34 -7.87 0.62
N PHE A 638 -34.19 -6.98 0.06
CA PHE A 638 -34.26 -5.57 0.46
C PHE A 638 -35.69 -5.23 0.89
N ASN A 639 -35.93 -4.02 1.42
CA ASN A 639 -37.26 -3.60 1.84
C ASN A 639 -37.44 -2.14 1.52
N ALA A 640 -38.39 -1.80 0.63
CA ALA A 640 -38.65 -0.43 0.24
C ALA A 640 -39.38 0.34 1.35
N LYS A 641 -39.93 -0.41 2.34
CA LYS A 641 -40.64 0.15 3.49
C LYS A 641 -39.63 0.58 4.60
N SER A 642 -38.32 0.35 4.36
CA SER A 642 -37.24 0.72 5.28
C SER A 642 -37.06 2.23 5.29
N VAL A 643 -36.91 2.78 6.48
CA VAL A 643 -36.71 4.21 6.73
C VAL A 643 -35.33 4.66 6.22
N TYR A 644 -34.34 3.74 6.14
CA TYR A 644 -33.01 4.08 5.65
C TYR A 644 -32.95 3.77 4.15
N VAL A 645 -32.46 4.73 3.37
CA VAL A 645 -32.37 4.56 1.93
C VAL A 645 -30.90 4.43 1.54
N MSE A 646 -30.50 3.20 1.12
CA MSE A 646 -29.16 2.88 0.60
C MSE A 646 -28.81 3.76 -0.59
O MSE A 646 -29.72 4.23 -1.29
CB MSE A 646 -29.07 1.42 0.19
CG MSE A 646 -29.47 0.42 1.26
SE MSE A 646 -29.31 -1.40 0.58
CE MSE A 646 -30.68 -1.38 -0.88
N GLY A 647 -27.53 3.98 -0.83
CA GLY A 647 -27.09 4.79 -1.96
C GLY A 647 -27.37 4.11 -3.29
N SER A 648 -27.10 2.79 -3.40
CA SER A 648 -27.29 2.07 -4.65
C SER A 648 -27.16 0.51 -4.57
N VAL A 649 -27.72 -0.17 -5.59
CA VAL A 649 -27.53 -1.60 -5.80
C VAL A 649 -27.03 -1.74 -7.22
N ASP A 650 -25.94 -2.51 -7.43
CA ASP A 650 -25.40 -2.72 -8.77
C ASP A 650 -25.62 -4.17 -9.23
N PHE A 651 -26.49 -4.32 -10.23
CA PHE A 651 -26.82 -5.61 -10.82
C PHE A 651 -26.46 -5.64 -12.30
N SER A 652 -25.55 -4.77 -12.72
CA SER A 652 -25.12 -4.71 -14.11
C SER A 652 -24.40 -6.00 -14.51
N TYR A 653 -24.43 -6.33 -15.81
CA TYR A 653 -23.77 -7.51 -16.40
C TYR A 653 -24.20 -8.83 -15.71
N ASN A 654 -25.49 -9.14 -15.81
CA ASN A 654 -26.11 -10.38 -15.31
C ASN A 654 -27.05 -10.92 -16.42
N LYS A 655 -28.02 -11.78 -16.06
CA LYS A 655 -28.97 -12.38 -17.01
C LYS A 655 -30.40 -12.19 -16.50
N ILE A 656 -30.70 -11.03 -15.89
CA ILE A 656 -32.03 -10.74 -15.34
C ILE A 656 -33.04 -10.67 -16.49
N GLY A 657 -34.15 -11.40 -16.36
CA GLY A 657 -35.21 -11.43 -17.36
C GLY A 657 -35.07 -12.50 -18.44
N SER A 658 -33.99 -13.30 -18.34
CA SER A 658 -33.72 -14.38 -19.28
C SER A 658 -34.67 -15.53 -19.02
N GLU A 659 -35.28 -15.56 -17.81
CA GLU A 659 -36.23 -16.60 -17.43
C GLU A 659 -37.69 -16.16 -17.59
N GLY A 660 -37.91 -14.94 -18.07
CA GLY A 660 -39.27 -14.46 -18.33
C GLY A 660 -39.82 -13.40 -17.42
N ARG A 661 -39.30 -13.30 -16.19
CA ARG A 661 -39.74 -12.28 -15.24
C ARG A 661 -38.53 -11.88 -14.39
N ASN A 662 -38.45 -10.61 -14.00
CA ASN A 662 -37.26 -10.05 -13.34
C ASN A 662 -37.11 -10.50 -11.87
N ILE A 663 -38.17 -11.05 -11.22
CA ILE A 663 -38.12 -11.54 -9.84
C ILE A 663 -38.63 -13.01 -9.76
N SER A 664 -38.08 -13.82 -8.82
CA SER A 664 -38.50 -15.24 -8.68
C SER A 664 -39.75 -15.41 -7.77
N CYS A 665 -40.04 -14.42 -6.89
CA CYS A 665 -41.19 -14.49 -5.98
C CYS A 665 -42.43 -13.85 -6.62
N SER A 666 -43.58 -13.99 -5.94
CA SER A 666 -44.84 -13.39 -6.37
C SER A 666 -44.81 -11.87 -6.14
N MSE A 667 -45.67 -11.13 -6.84
CA MSE A 667 -45.72 -9.68 -6.71
C MSE A 667 -46.14 -9.28 -5.27
O MSE A 667 -45.64 -8.29 -4.71
CB MSE A 667 -46.70 -9.12 -7.74
CG MSE A 667 -46.76 -7.61 -7.82
SE MSE A 667 -45.03 -6.81 -8.25
CE MSE A 667 -44.96 -5.49 -6.88
N ASP A 668 -47.00 -10.10 -4.66
CA ASP A 668 -47.54 -9.90 -3.31
C ASP A 668 -46.46 -10.10 -2.23
N ASP A 669 -45.44 -10.94 -2.51
CA ASP A 669 -44.32 -11.21 -1.62
C ASP A 669 -43.14 -10.25 -1.82
N TYR A 670 -43.05 -9.61 -3.03
CA TYR A 670 -41.95 -8.71 -3.36
C TYR A 670 -42.01 -7.43 -2.50
N LYS A 671 -40.87 -7.11 -1.81
CA LYS A 671 -40.67 -6.00 -0.84
C LYS A 671 -40.00 -4.73 -1.43
N GLY A 672 -39.54 -4.79 -2.67
CA GLY A 672 -38.85 -3.67 -3.32
C GLY A 672 -37.41 -3.48 -2.86
N ILE A 673 -36.79 -2.35 -3.27
CA ILE A 673 -35.41 -1.97 -2.95
C ILE A 673 -35.37 -0.55 -2.34
N ASN A 674 -34.72 -0.40 -1.17
CA ASN A 674 -34.57 0.89 -0.51
C ASN A 674 -33.22 1.51 -0.94
N ALA A 675 -33.15 2.01 -2.19
CA ALA A 675 -31.93 2.57 -2.76
C ALA A 675 -32.24 3.65 -3.78
N SER A 676 -31.43 4.73 -3.78
CA SER A 676 -31.59 5.88 -4.67
C SER A 676 -31.23 5.51 -6.11
N THR A 677 -30.19 4.68 -6.33
CA THR A 677 -29.76 4.27 -7.67
C THR A 677 -29.85 2.74 -7.80
N VAL A 678 -30.44 2.28 -8.91
CA VAL A 678 -30.61 0.86 -9.24
C VAL A 678 -30.00 0.66 -10.60
N THR A 679 -28.92 -0.16 -10.68
CA THR A 679 -28.23 -0.41 -11.94
C THR A 679 -28.61 -1.78 -12.44
N LEU A 680 -29.27 -1.81 -13.60
CA LEU A 680 -29.73 -3.04 -14.22
C LEU A 680 -29.32 -3.09 -15.68
N SER A 681 -28.25 -2.36 -16.03
CA SER A 681 -27.72 -2.32 -17.39
C SER A 681 -26.99 -3.63 -17.69
N TYR A 682 -26.98 -4.04 -18.99
CA TYR A 682 -26.39 -5.31 -19.48
C TYR A 682 -27.05 -6.47 -18.78
N ASN A 683 -28.29 -6.74 -19.19
CA ASN A 683 -29.10 -7.85 -18.69
C ASN A 683 -29.93 -8.35 -19.85
N GLU A 684 -31.05 -9.00 -19.58
CA GLU A 684 -31.89 -9.55 -20.64
C GLU A 684 -33.34 -9.20 -20.37
N ILE A 685 -33.54 -8.00 -19.79
CA ILE A 685 -34.82 -7.44 -19.40
C ILE A 685 -35.61 -7.08 -20.64
N GLN A 686 -36.78 -7.72 -20.77
CA GLN A 686 -37.70 -7.49 -21.89
C GLN A 686 -38.91 -6.71 -21.43
N LYS A 687 -39.28 -6.84 -20.14
CA LYS A 687 -40.39 -6.18 -19.47
C LYS A 687 -39.84 -5.20 -18.45
N PHE A 688 -40.23 -3.93 -18.57
CA PHE A 688 -39.80 -2.85 -17.68
C PHE A 688 -40.10 -3.23 -16.19
N PRO A 689 -39.17 -3.02 -15.23
CA PRO A 689 -39.38 -3.51 -13.86
C PRO A 689 -40.38 -2.69 -13.03
N THR A 690 -41.66 -2.74 -13.42
CA THR A 690 -42.80 -2.11 -12.73
C THR A 690 -42.78 -2.45 -11.23
N GLU A 691 -42.41 -3.71 -10.93
CA GLU A 691 -42.23 -4.33 -9.62
C GLU A 691 -41.50 -3.43 -8.64
N LEU A 692 -40.57 -2.60 -9.15
CA LEU A 692 -39.79 -1.69 -8.33
C LEU A 692 -40.64 -0.50 -7.87
N PHE A 693 -41.46 0.04 -8.76
CA PHE A 693 -42.27 1.21 -8.50
C PHE A 693 -43.53 0.84 -7.72
N ALA A 694 -44.17 -0.27 -8.12
CA ALA A 694 -45.36 -0.81 -7.47
C ALA A 694 -45.09 -1.04 -5.99
N THR A 695 -43.83 -1.36 -5.61
CA THR A 695 -43.44 -1.63 -4.21
C THR A 695 -42.92 -0.34 -3.49
N GLY A 696 -43.11 0.81 -4.11
CA GLY A 696 -42.74 2.10 -3.54
C GLY A 696 -41.26 2.31 -3.24
N SER A 697 -40.37 1.78 -4.12
CA SER A 697 -38.93 1.90 -4.02
C SER A 697 -38.49 3.37 -4.25
N PRO A 698 -37.69 3.98 -3.34
CA PRO A 698 -37.33 5.40 -3.52
C PRO A 698 -36.20 5.59 -4.52
N ILE A 699 -36.42 5.14 -5.77
CA ILE A 699 -35.43 5.22 -6.84
C ILE A 699 -35.48 6.61 -7.49
N SER A 700 -34.31 7.27 -7.61
CA SER A 700 -34.15 8.58 -8.26
C SER A 700 -33.38 8.47 -9.58
N THR A 701 -32.57 7.39 -9.74
CA THR A 701 -31.83 7.08 -10.97
C THR A 701 -32.05 5.60 -11.28
N ILE A 702 -32.55 5.28 -12.50
CA ILE A 702 -32.77 3.87 -12.92
C ILE A 702 -31.91 3.66 -14.15
N ILE A 703 -30.93 2.73 -14.09
CA ILE A 703 -30.04 2.51 -15.22
C ILE A 703 -30.45 1.17 -15.86
N LEU A 704 -31.16 1.25 -17.00
CA LEU A 704 -31.66 0.08 -17.74
C LEU A 704 -31.09 -0.01 -19.16
N SER A 705 -29.86 0.53 -19.39
CA SER A 705 -29.24 0.51 -20.70
C SER A 705 -28.78 -0.90 -21.02
N ASN A 706 -28.67 -1.24 -22.31
CA ASN A 706 -28.21 -2.54 -22.84
C ASN A 706 -29.10 -3.65 -22.32
N ASN A 707 -30.36 -3.62 -22.77
CA ASN A 707 -31.40 -4.59 -22.46
C ASN A 707 -32.21 -4.84 -23.72
N LEU A 708 -33.26 -5.68 -23.60
CA LEU A 708 -34.02 -6.19 -24.75
C LEU A 708 -35.48 -5.68 -24.84
N MSE A 709 -35.77 -4.49 -24.29
CA MSE A 709 -37.12 -3.92 -24.30
C MSE A 709 -37.48 -3.36 -25.67
O MSE A 709 -36.66 -2.68 -26.26
CB MSE A 709 -37.24 -2.83 -23.24
CG MSE A 709 -37.26 -3.39 -21.82
SE MSE A 709 -37.21 -1.97 -20.49
CE MSE A 709 -35.34 -1.99 -20.13
N THR A 710 -38.69 -3.63 -26.16
CA THR A 710 -39.14 -3.14 -27.47
C THR A 710 -40.20 -2.01 -27.33
N SER A 711 -40.70 -1.81 -26.09
CA SER A 711 -41.69 -0.80 -25.74
C SER A 711 -41.87 -0.73 -24.26
N ILE A 712 -42.31 0.43 -23.78
CA ILE A 712 -42.65 0.66 -22.37
C ILE A 712 -44.11 1.14 -22.41
N PRO A 713 -45.08 0.19 -22.45
CA PRO A 713 -46.50 0.59 -22.59
C PRO A 713 -47.05 1.22 -21.33
N GLU A 714 -48.26 1.78 -21.42
CA GLU A 714 -48.92 2.41 -20.27
C GLU A 714 -49.05 1.41 -19.10
N ASN A 715 -49.05 1.97 -17.88
CA ASN A 715 -49.16 1.31 -16.57
C ASN A 715 -47.89 0.44 -16.27
N SER A 716 -46.73 0.92 -16.75
CA SER A 716 -45.41 0.35 -16.51
C SER A 716 -44.75 1.06 -15.35
N LEU A 717 -44.98 2.37 -15.25
CA LEU A 717 -44.47 3.25 -14.22
C LEU A 717 -45.56 3.71 -13.25
N LYS A 718 -46.78 3.13 -13.35
CA LYS A 718 -47.97 3.54 -12.58
C LYS A 718 -49.16 2.53 -12.67
N PRO A 719 -50.08 2.53 -11.67
CA PRO A 719 -51.32 1.73 -11.82
C PRO A 719 -52.33 2.44 -12.74
N LYS A 720 -53.51 1.84 -12.98
CA LYS A 720 -54.51 2.34 -13.93
C LYS A 720 -55.07 3.72 -13.54
N ASP A 721 -55.51 3.95 -12.30
CA ASP A 721 -56.06 5.29 -12.04
C ASP A 721 -55.45 5.85 -10.78
N GLY A 722 -54.17 6.15 -10.93
CA GLY A 722 -53.31 6.71 -9.90
C GLY A 722 -51.86 6.54 -10.26
N ASN A 723 -50.99 6.90 -9.31
CA ASN A 723 -49.54 6.77 -9.41
C ASN A 723 -49.01 6.04 -8.23
N TYR A 724 -47.86 5.38 -8.39
CA TYR A 724 -47.21 4.73 -7.27
C TYR A 724 -46.52 5.82 -6.42
N LYS A 725 -46.53 5.59 -5.08
CA LYS A 725 -46.10 6.42 -3.95
C LYS A 725 -44.80 7.20 -4.21
N ASN A 726 -43.75 6.57 -4.80
CA ASN A 726 -42.48 7.28 -4.94
C ASN A 726 -41.98 7.52 -6.38
N THR A 727 -42.82 7.23 -7.40
CA THR A 727 -42.50 7.43 -8.82
C THR A 727 -41.98 8.89 -9.07
N TYR A 728 -42.55 9.92 -8.39
CA TYR A 728 -42.20 11.34 -8.53
C TYR A 728 -40.68 11.60 -8.27
N LEU A 729 -40.02 10.71 -7.49
CA LEU A 729 -38.58 10.83 -7.20
C LEU A 729 -37.69 10.54 -8.43
N LEU A 730 -38.20 9.83 -9.45
CA LEU A 730 -37.45 9.41 -10.64
C LEU A 730 -37.07 10.61 -11.49
N THR A 731 -35.77 11.00 -11.43
CA THR A 731 -35.27 12.18 -12.13
C THR A 731 -34.28 11.80 -13.25
N THR A 732 -33.68 10.59 -13.21
CA THR A 732 -32.75 10.15 -14.26
C THR A 732 -33.16 8.78 -14.80
N ILE A 733 -33.23 8.62 -16.14
CA ILE A 733 -33.60 7.36 -16.79
C ILE A 733 -32.61 7.08 -17.95
N ASP A 734 -31.82 5.97 -17.87
CA ASP A 734 -30.90 5.58 -18.96
C ASP A 734 -31.47 4.32 -19.65
N LEU A 735 -31.98 4.51 -20.86
CA LEU A 735 -32.62 3.43 -21.61
C LEU A 735 -31.93 3.20 -22.93
N ARG A 736 -30.67 3.66 -23.07
CA ARG A 736 -29.87 3.42 -24.28
C ARG A 736 -29.65 1.97 -24.57
N PHE A 737 -29.48 1.62 -25.85
CA PHE A 737 -29.19 0.26 -26.30
C PHE A 737 -30.28 -0.71 -25.86
N ASN A 738 -31.48 -0.44 -26.32
CA ASN A 738 -32.65 -1.32 -26.21
C ASN A 738 -33.21 -1.43 -27.62
N LYS A 739 -34.46 -1.84 -27.74
CA LYS A 739 -35.10 -1.98 -29.04
C LYS A 739 -36.46 -1.24 -29.02
N LEU A 740 -36.56 -0.18 -28.19
CA LEU A 740 -37.79 0.59 -27.94
C LEU A 740 -38.30 1.26 -29.18
N THR A 741 -39.61 1.16 -29.39
CA THR A 741 -40.32 1.76 -30.53
C THR A 741 -41.35 2.75 -30.02
N SER A 742 -41.71 2.65 -28.71
CA SER A 742 -42.71 3.52 -28.06
C SER A 742 -42.58 3.57 -26.54
N LEU A 743 -43.14 4.64 -25.99
CA LEU A 743 -43.25 4.89 -24.56
C LEU A 743 -44.76 4.99 -24.25
N SER A 744 -45.19 5.85 -23.31
CA SER A 744 -46.61 6.06 -22.96
C SER A 744 -46.76 7.34 -22.19
N ASP A 745 -48.02 7.67 -21.84
CA ASP A 745 -48.33 8.85 -21.03
C ASP A 745 -47.83 8.65 -19.57
N ASP A 746 -47.13 7.52 -19.29
CA ASP A 746 -46.48 7.27 -18.01
C ASP A 746 -45.31 8.21 -17.81
N PHE A 747 -44.77 8.77 -18.91
CA PHE A 747 -43.61 9.65 -18.89
C PHE A 747 -44.01 11.13 -18.86
N ARG A 748 -45.30 11.41 -18.77
CA ARG A 748 -45.74 12.80 -18.73
C ARG A 748 -45.65 13.33 -17.29
N ALA A 749 -45.71 14.69 -17.13
CA ALA A 749 -45.53 15.39 -15.85
C ALA A 749 -46.57 14.95 -14.81
N THR A 750 -47.61 14.26 -15.26
CA THR A 750 -48.64 13.74 -14.38
C THR A 750 -48.11 12.53 -13.58
N THR A 751 -46.98 11.91 -14.01
CA THR A 751 -46.39 10.76 -13.32
C THR A 751 -44.92 11.02 -12.99
N LEU A 752 -44.15 11.67 -13.91
CA LEU A 752 -42.72 12.02 -13.72
C LEU A 752 -42.56 13.54 -13.76
N PRO A 753 -43.05 14.27 -12.74
CA PRO A 753 -43.01 15.74 -12.81
C PRO A 753 -41.60 16.36 -12.62
N TYR A 754 -40.64 15.59 -12.08
CA TYR A 754 -39.31 16.11 -11.81
C TYR A 754 -38.25 15.47 -12.70
N LEU A 755 -38.68 14.79 -13.80
CA LEU A 755 -37.79 14.13 -14.75
C LEU A 755 -36.79 15.14 -15.28
N SER A 756 -35.49 14.93 -15.00
CA SER A 756 -34.44 15.85 -15.43
C SER A 756 -33.61 15.30 -16.60
N ASN A 757 -33.15 14.04 -16.50
CA ASN A 757 -32.24 13.50 -17.50
C ASN A 757 -32.75 12.19 -18.08
N MSE A 758 -32.83 12.13 -19.42
CA MSE A 758 -33.28 10.89 -20.08
C MSE A 758 -32.52 10.66 -21.36
O MSE A 758 -32.36 11.57 -22.17
CB MSE A 758 -34.79 10.91 -20.36
CG MSE A 758 -35.28 9.55 -20.85
SE MSE A 758 -37.16 9.31 -20.68
CE MSE A 758 -37.32 7.64 -21.58
N ASP A 759 -32.08 9.41 -21.56
CA ASP A 759 -31.34 9.02 -22.75
C ASP A 759 -31.95 7.74 -23.36
N VAL A 760 -32.52 7.88 -24.56
CA VAL A 760 -33.11 6.78 -25.32
C VAL A 760 -32.32 6.56 -26.62
N SER A 761 -31.00 6.94 -26.61
CA SER A 761 -30.12 6.76 -27.76
C SER A 761 -29.92 5.28 -28.06
N TYR A 762 -29.77 4.92 -29.35
CA TYR A 762 -29.58 3.55 -29.83
C TYR A 762 -30.81 2.72 -29.45
N ASN A 763 -31.91 3.03 -30.12
CA ASN A 763 -33.21 2.40 -29.95
C ASN A 763 -33.86 2.34 -31.32
N CYS A 764 -35.17 2.03 -31.37
CA CYS A 764 -35.86 1.88 -32.64
C CYS A 764 -37.05 2.84 -32.73
N PHE A 765 -36.82 4.14 -32.46
CA PHE A 765 -37.85 5.16 -32.56
C PHE A 765 -37.87 5.79 -33.96
N SER A 766 -39.01 5.65 -34.66
CA SER A 766 -39.22 6.21 -35.99
C SER A 766 -40.07 7.50 -35.91
N SER A 767 -40.63 7.68 -34.71
CA SER A 767 -41.50 8.76 -34.27
C SER A 767 -41.04 9.17 -32.85
N PHE A 768 -40.66 10.42 -32.70
CA PHE A 768 -40.11 10.96 -31.48
C PHE A 768 -41.09 10.80 -30.31
N PRO A 769 -40.60 10.23 -29.17
CA PRO A 769 -41.45 10.12 -27.97
C PRO A 769 -41.49 11.46 -27.20
N THR A 770 -42.50 12.29 -27.45
CA THR A 770 -42.61 13.62 -26.86
C THR A 770 -43.16 13.59 -25.42
N GLN A 771 -43.62 12.42 -24.93
CA GLN A 771 -44.15 12.33 -23.56
C GLN A 771 -43.11 12.87 -22.55
N PRO A 772 -41.81 12.42 -22.56
CA PRO A 772 -40.81 12.98 -21.62
C PRO A 772 -40.61 14.50 -21.73
N LEU A 773 -40.92 15.10 -22.88
CA LEU A 773 -40.77 16.56 -23.04
C LEU A 773 -41.83 17.36 -22.23
N ASN A 774 -42.83 16.65 -21.65
CA ASN A 774 -43.89 17.24 -20.81
C ASN A 774 -43.32 17.76 -19.47
N SER A 775 -42.19 17.17 -19.02
CA SER A 775 -41.52 17.55 -17.80
C SER A 775 -41.01 18.99 -17.88
N SER A 776 -41.38 19.80 -16.91
CA SER A 776 -40.97 21.19 -16.77
C SER A 776 -39.54 21.27 -16.28
N GLN A 777 -39.03 20.13 -15.76
CA GLN A 777 -37.72 19.99 -15.15
C GLN A 777 -36.76 19.23 -16.05
N LEU A 778 -37.16 18.88 -17.28
CA LEU A 778 -36.27 18.17 -18.21
C LEU A 778 -35.14 19.10 -18.63
N LYS A 779 -33.89 18.79 -18.21
CA LYS A 779 -32.68 19.59 -18.51
C LYS A 779 -31.85 18.98 -19.68
N ALA A 780 -31.96 17.65 -19.94
CA ALA A 780 -31.22 16.95 -21.00
C ALA A 780 -31.99 15.78 -21.54
N PHE A 781 -32.02 15.68 -22.88
CA PHE A 781 -32.69 14.58 -23.53
C PHE A 781 -31.84 14.09 -24.70
N GLY A 782 -31.69 12.77 -24.81
CA GLY A 782 -30.93 12.15 -25.89
C GLY A 782 -31.71 11.06 -26.61
N ILE A 783 -31.67 11.09 -27.94
CA ILE A 783 -32.33 10.16 -28.84
C ILE A 783 -31.41 10.00 -30.07
N ARG A 784 -30.11 9.82 -29.84
CA ARG A 784 -29.15 9.63 -30.92
C ARG A 784 -29.27 8.26 -31.58
N HIS A 785 -28.85 8.14 -32.85
CA HIS A 785 -28.67 6.88 -33.58
C HIS A 785 -29.87 5.87 -33.51
N GLN A 786 -31.04 6.25 -34.00
CA GLN A 786 -32.20 5.36 -34.05
C GLN A 786 -32.14 4.51 -35.30
N ARG A 787 -32.23 3.18 -35.12
CA ARG A 787 -32.18 2.25 -36.25
C ARG A 787 -33.17 1.17 -36.10
N ASP A 788 -33.59 0.54 -37.22
CA ASP A 788 -34.43 -0.64 -37.17
C ASP A 788 -33.52 -1.88 -37.29
N ALA A 789 -34.09 -3.09 -37.15
CA ALA A 789 -33.32 -4.33 -37.29
C ALA A 789 -32.53 -4.37 -38.63
N GLU A 790 -33.14 -3.81 -39.68
CA GLU A 790 -32.59 -3.72 -41.03
C GLU A 790 -31.55 -2.56 -41.18
N GLY A 791 -31.15 -1.92 -40.08
CA GLY A 791 -30.16 -0.83 -40.05
C GLY A 791 -30.46 0.49 -40.77
N ASN A 792 -31.75 0.78 -41.03
CA ASN A 792 -32.22 2.02 -41.65
C ASN A 792 -32.27 3.16 -40.65
N ARG A 793 -32.04 4.40 -41.11
CA ARG A 793 -32.14 5.59 -40.25
C ARG A 793 -33.63 5.98 -40.20
N ILE A 794 -34.33 5.45 -39.20
CA ILE A 794 -35.79 5.54 -39.09
C ILE A 794 -36.30 6.88 -38.48
N LEU A 795 -35.45 7.69 -37.83
CA LEU A 795 -35.96 8.92 -37.24
C LEU A 795 -35.66 10.14 -38.15
N ARG A 796 -36.72 10.62 -38.84
CA ARG A 796 -36.67 11.73 -39.79
C ARG A 796 -37.35 13.02 -39.31
N GLN A 797 -38.31 12.93 -38.40
CA GLN A 797 -39.03 14.15 -38.06
C GLN A 797 -38.47 14.79 -36.78
N TRP A 798 -38.22 16.11 -36.87
CA TRP A 798 -37.75 16.93 -35.76
C TRP A 798 -38.88 17.10 -34.77
N PRO A 799 -38.64 17.10 -33.43
CA PRO A 799 -39.74 17.25 -32.46
C PRO A 799 -40.20 18.71 -32.33
N THR A 800 -41.03 19.16 -33.28
CA THR A 800 -41.54 20.53 -33.36
C THR A 800 -42.30 20.88 -32.06
N GLY A 801 -41.81 21.94 -31.41
CA GLY A 801 -42.31 22.47 -30.14
C GLY A 801 -41.31 22.32 -29.01
N ILE A 802 -40.21 21.55 -29.24
CA ILE A 802 -39.21 21.24 -28.22
C ILE A 802 -38.50 22.52 -27.69
N THR A 803 -38.40 23.59 -28.49
CA THR A 803 -37.69 24.81 -28.05
C THR A 803 -38.47 25.46 -26.90
N THR A 804 -39.77 25.11 -26.73
CA THR A 804 -40.64 25.62 -25.64
C THR A 804 -40.37 24.92 -24.28
N CYS A 805 -39.61 23.75 -24.23
CA CYS A 805 -39.29 23.03 -22.98
C CYS A 805 -38.53 23.96 -22.05
N PRO A 806 -39.21 24.36 -20.96
CA PRO A 806 -38.68 25.40 -20.09
C PRO A 806 -37.32 25.13 -19.44
N SER A 807 -36.91 23.87 -19.20
CA SER A 807 -35.63 23.66 -18.51
C SER A 807 -34.56 23.01 -19.40
N LEU A 808 -34.94 22.60 -20.62
CA LEU A 808 -34.08 21.88 -21.58
C LEU A 808 -32.84 22.69 -22.01
N ILE A 809 -31.66 22.13 -21.73
CA ILE A 809 -30.35 22.71 -22.03
C ILE A 809 -29.69 21.93 -23.17
N GLN A 810 -29.62 20.59 -23.03
CA GLN A 810 -28.97 19.72 -24.01
C GLN A 810 -29.96 18.78 -24.71
N LEU A 811 -29.80 18.67 -26.03
CA LEU A 811 -30.51 17.76 -26.91
C LEU A 811 -29.52 17.05 -27.81
N GLN A 812 -29.67 15.72 -27.94
CA GLN A 812 -28.85 14.91 -28.83
C GLN A 812 -29.77 14.16 -29.76
N ILE A 813 -29.75 14.59 -31.04
CA ILE A 813 -30.58 14.04 -32.12
C ILE A 813 -29.65 13.67 -33.30
N GLY A 814 -28.35 13.64 -33.03
CA GLY A 814 -27.34 13.30 -34.02
C GLY A 814 -27.42 11.84 -34.47
N SER A 815 -26.89 11.57 -35.67
CA SER A 815 -26.79 10.25 -36.32
C SER A 815 -28.19 9.65 -36.55
N ASN A 816 -29.08 10.45 -37.09
CA ASN A 816 -30.45 10.10 -37.51
C ASN A 816 -30.60 10.59 -38.94
N ASP A 817 -31.83 10.73 -39.44
CA ASP A 817 -32.03 11.29 -40.77
C ASP A 817 -32.98 12.50 -40.66
N ILE A 818 -32.65 13.46 -39.76
CA ILE A 818 -33.53 14.61 -39.55
C ILE A 818 -33.51 15.47 -40.84
N ARG A 819 -34.70 15.85 -41.28
CA ARG A 819 -34.92 16.61 -42.50
C ARG A 819 -35.09 18.11 -42.15
N LYS A 820 -36.12 18.79 -42.69
CA LYS A 820 -36.36 20.20 -42.44
C LYS A 820 -36.77 20.42 -40.98
N VAL A 821 -36.24 21.52 -40.39
CA VAL A 821 -36.49 22.05 -39.05
C VAL A 821 -36.99 23.50 -39.20
N ASP A 822 -38.27 23.73 -38.89
CA ASP A 822 -38.89 25.05 -39.01
C ASP A 822 -38.82 25.86 -37.70
N GLU A 823 -38.54 25.20 -36.55
CA GLU A 823 -38.41 25.91 -35.28
C GLU A 823 -37.23 26.88 -35.25
N LYS A 824 -37.46 28.06 -34.65
CA LYS A 824 -36.43 29.05 -34.38
C LYS A 824 -35.73 28.58 -33.10
N LEU A 825 -34.42 28.30 -33.19
CA LEU A 825 -33.68 27.80 -32.02
C LEU A 825 -33.60 28.85 -30.96
N THR A 826 -33.67 28.40 -29.71
CA THR A 826 -33.62 29.29 -28.57
C THR A 826 -32.19 29.32 -28.05
N PRO A 827 -31.75 30.47 -27.45
CA PRO A 827 -30.39 30.50 -26.89
C PRO A 827 -30.31 29.74 -25.58
N GLN A 828 -31.49 29.38 -25.02
CA GLN A 828 -31.65 28.67 -23.76
C GLN A 828 -31.19 27.20 -23.91
N LEU A 829 -31.61 26.51 -25.00
CA LEU A 829 -31.18 25.15 -25.36
C LEU A 829 -29.85 25.33 -26.08
N TYR A 830 -28.78 25.57 -25.30
CA TYR A 830 -27.49 25.96 -25.85
C TYR A 830 -26.49 24.80 -26.11
N ILE A 831 -26.89 23.52 -25.96
CA ILE A 831 -26.03 22.36 -26.29
C ILE A 831 -26.81 21.48 -27.26
N LEU A 832 -26.58 21.63 -28.59
CA LEU A 832 -27.36 20.88 -29.57
C LEU A 832 -26.49 20.05 -30.49
N ASP A 833 -26.78 18.73 -30.58
CA ASP A 833 -26.08 17.78 -31.45
C ASP A 833 -26.99 17.40 -32.60
N ILE A 834 -26.68 17.93 -33.79
CA ILE A 834 -27.46 17.64 -34.98
C ILE A 834 -26.54 17.01 -36.04
N ALA A 835 -25.29 16.64 -35.65
CA ALA A 835 -24.31 16.03 -36.55
C ALA A 835 -24.75 14.64 -37.00
N ASP A 836 -24.33 14.28 -38.21
CA ASP A 836 -24.58 13.00 -38.86
C ASP A 836 -26.10 12.88 -39.20
N ASN A 837 -26.71 14.00 -39.70
CA ASN A 837 -28.08 14.11 -40.25
C ASN A 837 -27.88 14.68 -41.65
N PRO A 838 -27.72 13.84 -42.68
CA PRO A 838 -27.22 14.36 -43.98
C PRO A 838 -28.24 15.14 -44.79
N ASN A 839 -29.51 14.91 -44.51
CA ASN A 839 -30.55 15.56 -45.27
C ASN A 839 -31.21 16.64 -44.41
N ILE A 840 -30.51 17.14 -43.36
CA ILE A 840 -31.04 18.20 -42.49
C ILE A 840 -31.02 19.54 -43.27
N SER A 841 -32.03 20.35 -42.99
CA SER A 841 -32.23 21.70 -43.50
C SER A 841 -32.69 22.55 -42.34
N ILE A 842 -31.76 23.32 -41.73
CA ILE A 842 -32.07 24.14 -40.56
C ILE A 842 -31.37 25.55 -40.69
N ASP A 843 -32.03 26.59 -40.10
CA ASP A 843 -31.52 27.97 -40.07
C ASP A 843 -31.21 28.34 -38.62
N VAL A 844 -29.94 28.71 -38.37
CA VAL A 844 -29.47 28.98 -37.01
C VAL A 844 -29.20 30.51 -36.78
N THR A 845 -29.82 31.40 -37.60
CA THR A 845 -29.67 32.86 -37.47
C THR A 845 -30.00 33.33 -36.03
N SER A 846 -31.09 32.79 -35.44
CA SER A 846 -31.57 33.13 -34.10
C SER A 846 -30.50 32.97 -33.00
N VAL A 847 -29.63 31.97 -33.13
CA VAL A 847 -28.60 31.66 -32.13
C VAL A 847 -27.19 31.98 -32.68
N CYS A 848 -27.12 32.53 -33.92
CA CYS A 848 -25.87 32.88 -34.59
C CYS A 848 -25.00 33.82 -33.72
N PRO A 849 -25.50 34.93 -33.11
CA PRO A 849 -24.61 35.75 -32.26
C PRO A 849 -24.17 35.03 -30.98
N TYR A 850 -24.99 34.08 -30.46
CA TYR A 850 -24.67 33.31 -29.25
C TYR A 850 -23.58 32.28 -29.52
N ILE A 851 -23.56 31.71 -30.76
CA ILE A 851 -22.54 30.73 -31.21
C ILE A 851 -21.19 31.45 -31.26
N GLU A 852 -21.20 32.67 -31.86
CA GLU A 852 -20.04 33.56 -32.04
C GLU A 852 -19.45 34.00 -30.70
N ALA A 853 -20.33 34.22 -29.68
CA ALA A 853 -19.95 34.67 -28.35
C ALA A 853 -19.53 33.51 -27.41
N GLY A 854 -19.42 32.29 -27.97
CA GLY A 854 -19.02 31.08 -27.26
C GLY A 854 -19.98 30.69 -26.15
N MSE A 855 -21.28 30.95 -26.38
CA MSE A 855 -22.36 30.69 -25.41
C MSE A 855 -23.34 29.62 -25.90
O MSE A 855 -24.37 29.38 -25.26
CB MSE A 855 -23.12 31.99 -25.13
CG MSE A 855 -22.25 33.12 -24.59
SE MSE A 855 -23.31 34.71 -24.12
CE MSE A 855 -23.96 35.33 -25.87
N TYR A 856 -23.01 28.98 -27.04
CA TYR A 856 -23.79 27.92 -27.69
C TYR A 856 -22.83 26.88 -28.26
N VAL A 857 -23.11 25.59 -27.97
CA VAL A 857 -22.30 24.47 -28.43
C VAL A 857 -23.09 23.73 -29.48
N LEU A 858 -22.68 23.84 -30.74
CA LEU A 858 -23.41 23.15 -31.79
C LEU A 858 -22.51 22.09 -32.38
N LEU A 859 -23.00 20.83 -32.36
CA LEU A 859 -22.37 19.66 -32.95
C LEU A 859 -23.02 19.45 -34.29
N TYR A 860 -22.21 19.54 -35.33
CA TYR A 860 -22.65 19.51 -36.71
C TYR A 860 -21.50 19.14 -37.64
N ASP A 861 -21.82 18.99 -38.93
CA ASP A 861 -20.90 18.68 -40.02
C ASP A 861 -20.92 19.83 -41.02
N LYS A 862 -19.73 20.31 -41.44
CA LYS A 862 -19.61 21.42 -42.42
C LYS A 862 -20.22 21.03 -43.78
N THR A 863 -20.69 19.75 -43.94
CA THR A 863 -21.35 19.22 -45.14
C THR A 863 -22.86 19.43 -45.12
N GLN A 864 -23.43 19.61 -43.90
CA GLN A 864 -24.88 19.74 -43.67
C GLN A 864 -25.43 21.10 -44.07
N ASP A 865 -26.70 21.13 -44.57
CA ASP A 865 -27.37 22.37 -44.97
C ASP A 865 -27.83 23.15 -43.72
N ILE A 866 -26.87 23.93 -43.17
CA ILE A 866 -27.09 24.76 -42.00
C ILE A 866 -26.90 26.24 -42.42
N ARG A 867 -28.03 26.89 -42.68
CA ARG A 867 -28.11 28.30 -43.07
C ARG A 867 -28.08 29.21 -41.83
N GLY A 868 -27.57 30.44 -42.01
CA GLY A 868 -27.58 31.48 -40.99
C GLY A 868 -26.36 31.83 -40.16
N CYS A 869 -25.26 31.08 -40.30
CA CYS A 869 -24.04 31.38 -39.52
C CYS A 869 -22.81 31.13 -40.38
N ASP A 870 -22.11 32.23 -40.70
CA ASP A 870 -20.93 32.17 -41.53
C ASP A 870 -19.74 31.66 -40.73
N ALA A 871 -19.75 31.91 -39.40
CA ALA A 871 -18.69 31.51 -38.45
C ALA A 871 -18.51 29.98 -38.38
N LEU A 872 -19.53 29.18 -38.81
CA LEU A 872 -19.52 27.70 -38.77
C LEU A 872 -18.62 27.09 -39.85
N GLY A 873 -18.48 27.79 -40.97
CA GLY A 873 -17.69 27.32 -42.09
C GLY A 873 -18.36 26.19 -42.85
N ILE A 874 -19.68 26.33 -43.10
CA ILE A 874 -20.47 25.35 -43.85
C ILE A 874 -20.00 25.39 -45.31
N GLU A 875 -19.78 24.20 -45.94
CA GLU A 875 -19.38 24.06 -47.33
C GLU A 875 -20.50 24.55 -48.27
N ARG A 876 -20.23 25.68 -48.96
CA ARG A 876 -21.12 26.34 -49.91
C ARG A 876 -21.16 25.52 -51.23
NA NA B . 10.40 8.02 12.21
CL CL C . -38.24 -9.99 -18.67
#